data_9KT6
#
_entry.id   9KT6
#
_cell.length_a   1.00
_cell.length_b   1.00
_cell.length_c   1.00
_cell.angle_alpha   90.00
_cell.angle_beta   90.00
_cell.angle_gamma   90.00
#
_symmetry.space_group_name_H-M   'P 1'
#
loop_
_entity.id
_entity.type
_entity.pdbx_description
1 polymer 'Guanine nucleotide-binding protein G(i) subunit alpha-1'
2 polymer 'Guanine nucleotide-binding protein G(I)/G(S)/G(T) subunit beta-1'
3 polymer 'Guanine nucleotide-binding protein G(I)/G(S)/G(O) subunit gamma-2'
4 polymer 'Hydroxycarboxylic acid receptor 3'
5 non-polymer '(5~{S})-5-methyl-4-oxidanylidene-5-phenyl-furan-2-carboxylic acid'
#
loop_
_entity_poly.entity_id
_entity_poly.type
_entity_poly.pdbx_seq_one_letter_code
_entity_poly.pdbx_strand_id
1 'polypeptide(L)'
;MGCTLSAEDKAAVERSKMIDRNLREDGEKAAREVKLLLLGAGESGKNTIVKQMKIIHEAGYSEEECKQYKAVVYSNTIQS
IIAIIRAMGRLKIDFGDSARADDARQLFVLAGAAEEGFMTAELAGVIKRLWKDSGVQACFNRSREYQLNDSAAYYLNDLD
RIAQPNYIPTQQDVLRTRVKTTGIVETHFTFKDLHFKMFDVGAQRSERKKWIHCFEGVTAIIFCVALSDYDLVLAEDEEM
NRMHASMKLFDSICNNKWFTDTSIILFLNKKDLFEEKIKKSPLTICYPEYAGSNTYEEAAAYIQCQFEDLNKRKDTKEIY
THFTCSTDTKNVQFVFDAVTDVIIKNNLKDCGLF
;
A
2 'polypeptide(L)'
;QSELDQLRQEAEQLKNQIRDARKACADATLSQITNNIDPVGRIQMRTRRTLRGHLAKIYAMHWGTDSRLLVSASQDGKLI
IWDSYTTNKVHAIPLRSSWVMTCAYAPSGNYVACGGLDNICSIYNLKTREGNVRVSRELAGHTGYLSCCRFLDDNQIVTS
SGDTTCALWDIETGQQTTTFTGHTGDVMSLSLAPDTRLFVSGACDASAKLWDVREGMCRQTFTGHESDINAICFFPNGNA
FATGSDDATCRLFDLRADQELMTYSHDNIICGITSVSFSKSGRLLLAGYDDFNCNVWDALKADRAGVLAGHDNRVSCLGV
TDDGMAVATGSWDSFLKIWN
;
B
3 'polypeptide(L)' MASNNTASIAQARKLVEQLKMEANIDRIKVSKAAADLMAYCEAHAKEDPLLTPVPASENPFREKKFFCAIL C
4 'polypeptide(L)'
;MNRHHLQDHFLEIDKKNCCVFRDDFIAKVLPPVLGLEFIFGLLGNGLALWIFCFHLKSWKSSRIFLFNLAVADFLLIICL
PFVMDYYVRRSDWKFGDIPCRLVLFMFAMNRQGSIIFLTVVAVDRYFRVVHPHHALNKISNWTAAIISCLLWGITVGLTV
HLLKKKLLIQNGTANVCISFSICHTFRWHEAMFLLEFFLPLGIILFCSARIIWSLRQRQMDRHAKIKRAITFIMVVAIVF
VICFLPSVVVRIHIFWLLHTSGTQNCEVYRSVDLAFFITLSFTYMNSMLDPVVYYFSSPSFPNFFSTLINRCLQRKITGE
PDNNRSTSVELTGDPNKTRGAPEALIANSGEPWSPSYLGPTSNNHSKKGHCHQEPASLEKQLGCCIE
;
R
#
loop_
_chem_comp.id
_chem_comp.type
_chem_comp.name
_chem_comp.formula
P9X non-polymer '(5~{S})-5-methyl-4-oxidanylidene-5-phenyl-furan-2-carboxylic acid' 'C12 H10 O4'
#
# COMPACT_ATOMS: atom_id res chain seq x y z
N GLY A 2 13.04 -13.25 28.09
CA GLY A 2 12.33 -12.69 29.23
C GLY A 2 12.89 -13.15 30.57
N CYS A 3 12.95 -14.48 30.75
CA CYS A 3 13.44 -15.04 32.01
C CYS A 3 14.91 -14.71 32.23
N THR A 4 15.72 -14.78 31.18
CA THR A 4 17.16 -14.56 31.30
C THR A 4 17.55 -13.10 31.17
N LEU A 5 16.61 -12.20 30.86
CA LEU A 5 16.94 -10.80 30.66
C LEU A 5 17.30 -10.13 31.98
N SER A 6 18.21 -9.17 31.92
CA SER A 6 18.66 -8.42 33.08
C SER A 6 17.68 -7.28 33.35
N ALA A 7 18.05 -6.38 34.27
CA ALA A 7 17.18 -5.24 34.57
C ALA A 7 17.21 -4.21 33.44
N GLU A 8 18.38 -3.91 32.90
CA GLU A 8 18.48 -2.95 31.81
C GLU A 8 17.75 -3.45 30.57
N ASP A 9 17.88 -4.75 30.26
CA ASP A 9 17.18 -5.31 29.13
C ASP A 9 15.67 -5.26 29.33
N LYS A 10 15.21 -5.52 30.57
CA LYS A 10 13.78 -5.43 30.85
C LYS A 10 13.28 -4.00 30.68
N ALA A 11 14.06 -3.03 31.15
CA ALA A 11 13.68 -1.63 30.99
C ALA A 11 13.59 -1.25 29.51
N ALA A 12 14.57 -1.68 28.71
CA ALA A 12 14.53 -1.42 27.28
C ALA A 12 13.31 -2.06 26.63
N VAL A 13 13.00 -3.30 27.03
CA VAL A 13 11.87 -4.01 26.45
C VAL A 13 10.55 -3.32 26.79
N GLU A 14 10.39 -2.88 28.04
CA GLU A 14 9.14 -2.21 28.40
C GLU A 14 9.03 -0.83 27.73
N ARG A 15 10.16 -0.13 27.57
CA ARG A 15 10.12 1.12 26.81
C ARG A 15 9.70 0.88 25.37
N SER A 16 10.25 -0.17 24.74
CA SER A 16 9.86 -0.50 23.38
C SER A 16 8.38 -0.87 23.29
N LYS A 17 7.88 -1.59 24.29
CA LYS A 17 6.47 -1.97 24.30
C LYS A 17 5.57 -0.75 24.42
N MET A 18 5.93 0.20 25.29
CA MET A 18 5.15 1.42 25.42
C MET A 18 5.17 2.23 24.12
N ILE A 19 6.33 2.31 23.47
CA ILE A 19 6.43 3.00 22.19
C ILE A 19 5.54 2.32 21.15
N ASP A 20 5.54 0.99 21.13
CA ASP A 20 4.68 0.26 20.20
C ASP A 20 3.21 0.54 20.46
N ARG A 21 2.81 0.58 21.74
CA ARG A 21 1.43 0.88 22.06
C ARG A 21 1.03 2.26 21.56
N ASN A 22 1.90 3.26 21.78
CA ASN A 22 1.61 4.61 21.31
C ASN A 22 1.53 4.66 19.80
N LEU A 23 2.44 3.96 19.11
CA LEU A 23 2.41 3.94 17.65
C LEU A 23 1.13 3.32 17.12
N ARG A 24 0.70 2.21 17.72
CA ARG A 24 -0.53 1.55 17.28
C ARG A 24 -1.74 2.45 17.51
N GLU A 25 -1.81 3.11 18.67
CA GLU A 25 -2.96 3.97 18.92
C GLU A 25 -2.98 5.17 17.97
N ASP A 26 -1.80 5.75 17.69
CA ASP A 26 -1.75 6.86 16.73
C ASP A 26 -2.17 6.40 15.34
N GLY A 27 -1.72 5.22 14.91
CA GLY A 27 -2.13 4.72 13.61
C GLY A 27 -3.62 4.47 13.52
N GLU A 28 -4.19 3.87 14.56
CA GLU A 28 -5.64 3.65 14.58
C GLU A 28 -6.40 4.96 14.53
N LYS A 29 -5.95 5.97 15.29
CA LYS A 29 -6.62 7.26 15.27
C LYS A 29 -6.52 7.93 13.90
N ALA A 30 -5.35 7.82 13.24
CA ALA A 30 -5.16 8.47 11.96
C ALA A 30 -5.77 7.71 10.79
N ALA A 31 -6.14 6.44 10.99
CA ALA A 31 -6.73 5.66 9.91
C ALA A 31 -8.21 5.97 9.67
N ARG A 32 -8.84 6.75 10.54
CA ARG A 32 -10.26 7.03 10.41
C ARG A 32 -10.55 8.37 9.74
N GLU A 33 -9.53 9.09 9.31
CA GLU A 33 -9.73 10.40 8.68
C GLU A 33 -9.76 10.26 7.16
N VAL A 34 -10.27 11.31 6.52
CA VAL A 34 -10.42 11.36 5.06
C VAL A 34 -9.40 12.35 4.53
N LYS A 35 -8.58 11.91 3.59
CA LYS A 35 -7.53 12.74 3.00
C LYS A 35 -7.94 13.17 1.61
N LEU A 36 -7.86 14.48 1.35
CA LEU A 36 -8.25 15.05 0.08
C LEU A 36 -7.13 15.91 -0.46
N LEU A 37 -6.85 15.78 -1.76
CA LEU A 37 -5.85 16.59 -2.43
C LEU A 37 -6.56 17.66 -3.26
N LEU A 38 -6.17 18.91 -3.06
CA LEU A 38 -6.80 20.05 -3.70
C LEU A 38 -5.90 20.57 -4.82
N LEU A 39 -6.44 20.69 -6.02
CA LEU A 39 -5.68 21.12 -7.18
C LEU A 39 -6.45 22.20 -7.92
N GLY A 40 -5.79 22.81 -8.90
CA GLY A 40 -6.40 23.88 -9.67
C GLY A 40 -5.39 24.73 -10.40
N ALA A 41 -5.54 26.05 -10.34
CA ALA A 41 -4.60 26.97 -10.94
C ALA A 41 -4.54 28.23 -10.08
N GLY A 42 -3.93 29.28 -10.62
CA GLY A 42 -3.77 30.51 -9.85
C GLY A 42 -5.08 31.17 -9.50
N GLU A 43 -5.98 31.29 -10.49
CA GLU A 43 -7.26 31.95 -10.30
C GLU A 43 -8.43 31.01 -10.56
N SER A 44 -8.23 29.72 -10.32
CA SER A 44 -9.32 28.76 -10.47
C SER A 44 -10.43 29.02 -9.47
N GLY A 45 -10.06 29.38 -8.23
CA GLY A 45 -11.05 29.61 -7.20
C GLY A 45 -10.94 28.62 -6.06
N LYS A 46 -9.72 28.12 -5.82
CA LYS A 46 -9.50 27.20 -4.71
C LYS A 46 -9.79 27.87 -3.37
N ASN A 47 -9.31 29.11 -3.20
CA ASN A 47 -9.49 29.81 -1.94
C ASN A 47 -10.97 30.05 -1.66
N THR A 48 -11.74 30.40 -2.70
CA THR A 48 -13.17 30.62 -2.52
C THR A 48 -13.86 29.34 -2.05
N ILE A 49 -13.48 28.19 -2.60
CA ILE A 49 -14.05 26.92 -2.15
C ILE A 49 -13.68 26.65 -0.70
N VAL A 50 -12.39 26.84 -0.37
CA VAL A 50 -11.92 26.60 0.99
C VAL A 50 -12.60 27.53 1.99
N LYS A 51 -13.07 28.69 1.55
CA LYS A 51 -13.73 29.62 2.45
C LYS A 51 -14.93 28.98 3.13
N GLN A 52 -15.78 28.29 2.37
CA GLN A 52 -16.90 27.58 2.96
C GLN A 52 -16.58 26.12 3.29
N MET A 53 -15.45 25.59 2.83
CA MET A 53 -15.05 24.25 3.28
C MET A 53 -14.74 24.25 4.77
N LYS A 54 -14.04 25.28 5.26
CA LYS A 54 -13.69 25.39 6.67
C LYS A 54 -14.82 26.11 7.39
N ILE A 55 -15.69 25.34 8.02
CA ILE A 55 -16.83 25.89 8.75
C ILE A 55 -17.28 24.91 9.82
N THR A 181 5.25 30.59 3.74
CA THR A 181 6.40 29.70 3.83
C THR A 181 6.45 28.73 2.66
N THR A 182 5.64 29.00 1.65
CA THR A 182 5.50 28.12 0.47
C THR A 182 5.05 26.76 1.01
N GLY A 183 5.67 25.65 0.59
CA GLY A 183 5.38 24.36 1.19
C GLY A 183 3.98 23.88 0.87
N ILE A 184 3.41 23.14 1.83
CA ILE A 184 2.07 22.57 1.72
C ILE A 184 1.25 23.05 2.91
N VAL A 185 0.03 23.49 2.65
CA VAL A 185 -0.87 24.00 3.67
C VAL A 185 -2.04 23.04 3.81
N GLU A 186 -2.35 22.66 5.04
CA GLU A 186 -3.38 21.66 5.33
C GLU A 186 -4.54 22.31 6.05
N THR A 187 -5.76 22.00 5.59
CA THR A 187 -6.98 22.48 6.21
C THR A 187 -7.76 21.30 6.75
N HIS A 188 -8.20 21.40 8.01
CA HIS A 188 -8.94 20.34 8.68
C HIS A 188 -10.33 20.86 9.03
N PHE A 189 -11.35 20.10 8.65
CA PHE A 189 -12.72 20.45 8.99
C PHE A 189 -13.53 19.20 9.24
N THR A 190 -14.62 19.35 10.00
CA THR A 190 -15.47 18.25 10.41
C THR A 190 -16.88 18.46 9.87
N PHE A 191 -17.48 17.38 9.38
CA PHE A 191 -18.84 17.43 8.86
C PHE A 191 -19.49 16.07 9.05
N LYS A 192 -20.61 16.05 9.77
CA LYS A 192 -21.38 14.83 10.02
C LYS A 192 -20.51 13.73 10.64
N ASP A 193 -19.71 14.13 11.63
CA ASP A 193 -18.86 13.22 12.41
C ASP A 193 -17.75 12.58 11.57
N LEU A 194 -17.41 13.16 10.42
CA LEU A 194 -16.22 12.77 9.68
C LEU A 194 -15.19 13.88 9.72
N HIS A 195 -13.93 13.49 9.89
CA HIS A 195 -12.82 14.44 9.94
C HIS A 195 -12.15 14.45 8.58
N PHE A 196 -12.15 15.61 7.92
CA PHE A 196 -11.53 15.77 6.61
C PHE A 196 -10.18 16.47 6.75
N LYS A 197 -9.37 16.36 5.70
CA LYS A 197 -8.05 16.97 5.68
C LYS A 197 -7.68 17.26 4.23
N MET A 198 -7.64 18.53 3.87
CA MET A 198 -7.30 18.96 2.51
C MET A 198 -5.84 19.40 2.47
N PHE A 199 -5.14 19.02 1.41
CA PHE A 199 -3.76 19.40 1.19
C PHE A 199 -3.66 20.21 -0.09
N ASP A 200 -3.34 21.49 0.06
CA ASP A 200 -3.15 22.39 -1.08
C ASP A 200 -1.67 22.44 -1.43
N VAL A 201 -1.35 22.16 -2.69
CA VAL A 201 0.04 22.04 -3.13
C VAL A 201 0.33 23.03 -4.24
N GLY A 202 -0.40 24.15 -4.26
CA GLY A 202 -0.19 25.16 -5.28
C GLY A 202 1.09 25.93 -5.11
N ALA A 203 1.64 25.98 -3.90
CA ALA A 203 2.88 26.72 -3.67
C ALA A 203 4.11 26.00 -4.21
N GLN A 204 4.05 24.67 -4.31
CA GLN A 204 5.18 23.90 -4.82
C GLN A 204 5.33 24.14 -6.32
N ARG A 205 6.38 24.87 -6.72
CA ARG A 205 6.63 25.20 -8.10
C ARG A 205 7.71 24.35 -8.74
N SER A 206 8.15 23.29 -8.07
CA SER A 206 9.19 22.40 -8.59
C SER A 206 8.55 21.38 -9.53
N GLU A 207 9.33 20.37 -9.92
CA GLU A 207 8.82 19.32 -10.79
C GLU A 207 7.76 18.51 -10.06
N ARG A 208 6.63 18.26 -10.72
CA ARG A 208 5.52 17.57 -10.08
C ARG A 208 5.78 16.07 -9.97
N LYS A 209 6.48 15.49 -10.94
CA LYS A 209 6.68 14.05 -10.95
C LYS A 209 7.59 13.55 -9.83
N LYS A 210 8.32 14.45 -9.17
CA LYS A 210 9.24 14.05 -8.12
C LYS A 210 8.59 13.94 -6.75
N TRP A 211 7.37 14.44 -6.58
CA TRP A 211 6.70 14.36 -5.28
C TRP A 211 5.23 14.00 -5.39
N ILE A 212 4.70 13.74 -6.59
CA ILE A 212 3.28 13.42 -6.73
C ILE A 212 2.93 12.03 -6.25
N HIS A 213 3.92 11.15 -6.09
CA HIS A 213 3.66 9.81 -5.58
C HIS A 213 3.51 9.76 -4.07
N CYS A 214 3.79 10.87 -3.37
CA CYS A 214 3.54 10.92 -1.94
C CYS A 214 2.06 10.96 -1.61
N PHE A 215 1.22 11.34 -2.57
CA PHE A 215 -0.22 11.46 -2.36
C PHE A 215 -0.98 10.25 -2.88
N GLU A 216 -0.29 9.22 -3.35
CA GLU A 216 -0.95 7.98 -3.75
C GLU A 216 -1.57 7.31 -2.53
N GLY A 217 -2.90 7.28 -2.49
CA GLY A 217 -3.59 6.71 -1.34
C GLY A 217 -4.56 7.66 -0.68
N VAL A 218 -4.86 8.77 -1.35
CA VAL A 218 -5.87 9.69 -0.84
C VAL A 218 -7.26 9.21 -1.24
N THR A 219 -8.26 9.62 -0.45
CA THR A 219 -9.63 9.20 -0.72
C THR A 219 -10.12 9.72 -2.07
N ALA A 220 -9.85 11.00 -2.36
CA ALA A 220 -10.31 11.61 -3.59
C ALA A 220 -9.44 12.82 -3.91
N ILE A 221 -9.60 13.33 -5.12
CA ILE A 221 -8.93 14.55 -5.57
C ILE A 221 -9.99 15.57 -5.92
N ILE A 222 -9.85 16.78 -5.38
CA ILE A 222 -10.76 17.88 -5.68
C ILE A 222 -10.07 18.80 -6.67
N PHE A 223 -10.72 19.05 -7.80
CA PHE A 223 -10.18 19.87 -8.87
C PHE A 223 -11.08 21.09 -9.07
N CYS A 224 -10.48 22.27 -9.12
CA CYS A 224 -11.21 23.52 -9.27
C CYS A 224 -10.89 24.14 -10.62
N VAL A 225 -11.92 24.50 -11.36
CA VAL A 225 -11.79 25.11 -12.68
C VAL A 225 -12.68 26.34 -12.74
N ALA A 226 -12.11 27.46 -13.18
CA ALA A 226 -12.87 28.69 -13.37
C ALA A 226 -13.38 28.70 -14.81
N LEU A 227 -14.67 28.40 -14.98
CA LEU A 227 -15.25 28.32 -16.31
C LEU A 227 -15.65 29.68 -16.86
N SER A 228 -15.45 30.75 -16.10
CA SER A 228 -15.64 32.10 -16.59
C SER A 228 -14.41 32.65 -17.30
N ASP A 229 -13.33 31.87 -17.39
CA ASP A 229 -12.09 32.29 -18.01
C ASP A 229 -11.87 31.66 -19.37
N TYR A 230 -12.95 31.44 -20.13
CA TYR A 230 -12.79 30.83 -21.45
C TYR A 230 -12.20 31.82 -22.45
N ASP A 231 -12.46 33.11 -22.28
CA ASP A 231 -11.94 34.12 -23.18
C ASP A 231 -10.65 34.77 -22.68
N LEU A 232 -10.39 34.70 -21.38
CA LEU A 232 -9.16 35.26 -20.84
C LEU A 232 -7.96 34.43 -21.27
N VAL A 233 -6.79 35.05 -21.23
CA VAL A 233 -5.56 34.42 -21.66
C VAL A 233 -4.55 34.47 -20.51
N LEU A 234 -3.58 33.55 -20.58
CA LEU A 234 -2.57 33.46 -19.53
C LEU A 234 -1.67 34.69 -19.54
N ALA A 235 -1.31 35.16 -18.34
CA ALA A 235 -0.40 36.30 -18.23
C ALA A 235 0.99 35.93 -18.73
N GLU A 236 1.43 34.70 -18.48
CA GLU A 236 2.76 34.28 -18.90
C GLU A 236 2.86 34.19 -20.42
N ASP A 237 1.89 33.54 -21.06
CA ASP A 237 1.89 33.38 -22.51
C ASP A 237 0.54 33.87 -23.05
N GLU A 238 0.59 34.74 -24.06
CA GLU A 238 -0.62 35.41 -24.51
C GLU A 238 -1.51 34.49 -25.33
N GLU A 239 -0.92 33.67 -26.21
CA GLU A 239 -1.73 32.89 -27.14
C GLU A 239 -2.47 31.77 -26.44
N MET A 240 -1.85 31.11 -25.47
CA MET A 240 -2.47 29.98 -24.80
C MET A 240 -3.63 30.43 -23.92
N ASN A 241 -4.79 29.81 -24.11
CA ASN A 241 -5.95 30.10 -23.29
C ASN A 241 -5.80 29.47 -21.90
N ARG A 242 -6.49 30.07 -20.92
CA ARG A 242 -6.46 29.50 -19.58
C ARG A 242 -7.23 28.18 -19.51
N MET A 243 -8.36 28.11 -20.22
CA MET A 243 -9.17 26.88 -20.18
C MET A 243 -8.42 25.71 -20.80
N HIS A 244 -7.67 25.95 -21.88
CA HIS A 244 -6.90 24.88 -22.49
C HIS A 244 -5.79 24.40 -21.55
N ALA A 245 -5.15 25.32 -20.84
CA ALA A 245 -4.15 24.93 -19.85
C ALA A 245 -4.78 24.10 -18.73
N SER A 246 -5.98 24.50 -18.28
CA SER A 246 -6.68 23.72 -17.26
C SER A 246 -7.01 22.32 -17.77
N MET A 247 -7.44 22.23 -19.03
CA MET A 247 -7.73 20.91 -19.61
C MET A 247 -6.47 20.05 -19.70
N LYS A 248 -5.34 20.66 -20.06
CA LYS A 248 -4.09 19.91 -20.12
C LYS A 248 -3.69 19.42 -18.73
N LEU A 249 -3.84 20.26 -17.70
CA LEU A 249 -3.53 19.83 -16.34
C LEU A 249 -4.44 18.70 -15.90
N PHE A 250 -5.74 18.81 -16.22
CA PHE A 250 -6.68 17.75 -15.87
C PHE A 250 -6.34 16.45 -16.58
N ASP A 251 -5.92 16.54 -17.85
CA ASP A 251 -5.51 15.35 -18.58
C ASP A 251 -4.29 14.71 -17.94
N SER A 252 -3.31 15.52 -17.53
CA SER A 252 -2.12 14.96 -16.88
C SER A 252 -2.45 14.30 -15.56
N ILE A 253 -3.30 14.93 -14.74
CA ILE A 253 -3.62 14.38 -13.42
C ILE A 253 -4.48 13.13 -13.55
N CYS A 254 -5.51 13.17 -14.40
CA CYS A 254 -6.48 12.09 -14.45
C CYS A 254 -5.86 10.80 -14.96
N ASN A 255 -4.97 10.89 -15.95
CA ASN A 255 -4.34 9.72 -16.56
C ASN A 255 -3.00 9.38 -15.93
N ASN A 256 -2.70 9.94 -14.77
CA ASN A 256 -1.46 9.63 -14.07
C ASN A 256 -1.45 8.18 -13.60
N LYS A 257 -0.27 7.57 -13.61
CA LYS A 257 -0.14 6.17 -13.23
C LYS A 257 -0.29 5.94 -11.72
N TRP A 258 -0.16 6.99 -10.91
CA TRP A 258 -0.34 6.87 -9.47
C TRP A 258 -1.78 7.05 -9.04
N PHE A 259 -2.67 7.47 -9.94
CA PHE A 259 -4.07 7.72 -9.64
C PHE A 259 -4.97 6.95 -10.61
N THR A 260 -4.66 5.67 -10.80
CA THR A 260 -5.43 4.86 -11.75
C THR A 260 -6.87 4.69 -11.29
N ASP A 261 -7.10 4.49 -9.99
CA ASP A 261 -8.42 4.24 -9.46
C ASP A 261 -8.75 5.21 -8.32
N THR A 262 -8.44 6.49 -8.51
CA THR A 262 -8.75 7.53 -7.55
C THR A 262 -9.84 8.43 -8.13
N SER A 263 -10.92 8.61 -7.38
CA SER A 263 -12.03 9.43 -7.85
C SER A 263 -11.64 10.90 -7.88
N ILE A 264 -12.27 11.64 -8.78
CA ILE A 264 -12.00 13.06 -8.97
C ILE A 264 -13.31 13.83 -8.78
N ILE A 265 -13.28 14.85 -7.94
CA ILE A 265 -14.41 15.75 -7.74
C ILE A 265 -14.10 17.04 -8.48
N LEU A 266 -14.90 17.34 -9.51
CA LEU A 266 -14.66 18.50 -10.36
C LEU A 266 -15.59 19.63 -9.94
N PHE A 267 -15.00 20.79 -9.66
CA PHE A 267 -15.76 21.99 -9.30
C PHE A 267 -15.57 23.04 -10.39
N LEU A 268 -16.68 23.51 -10.93
CA LEU A 268 -16.68 24.62 -11.89
C LEU A 268 -17.24 25.84 -11.18
N ASN A 269 -16.39 26.85 -11.00
CA ASN A 269 -16.57 27.81 -9.91
C ASN A 269 -17.39 29.04 -10.29
N LYS A 270 -16.94 29.82 -11.26
CA LYS A 270 -17.50 31.14 -11.52
C LYS A 270 -18.59 31.04 -12.58
N LYS A 271 -19.77 30.58 -12.20
CA LYS A 271 -20.90 30.54 -13.11
C LYS A 271 -21.71 31.84 -13.09
N ASP A 272 -21.63 32.60 -12.00
CA ASP A 272 -22.33 33.88 -11.95
C ASP A 272 -21.80 34.84 -12.99
N LEU A 273 -20.48 34.90 -13.14
CA LEU A 273 -19.89 35.70 -14.22
C LEU A 273 -20.05 35.03 -15.57
N PHE A 274 -20.13 33.70 -15.59
CA PHE A 274 -20.31 32.97 -16.84
C PHE A 274 -21.65 33.33 -17.48
N GLU A 275 -22.71 33.44 -16.67
CA GLU A 275 -24.02 33.76 -17.21
C GLU A 275 -24.01 35.13 -17.90
N GLU A 276 -23.32 36.11 -17.29
CA GLU A 276 -23.27 37.43 -17.90
C GLU A 276 -22.37 37.45 -19.12
N LYS A 277 -21.21 36.81 -19.05
CA LYS A 277 -20.26 36.86 -20.15
C LYS A 277 -20.66 36.02 -21.35
N ILE A 278 -21.56 35.05 -21.18
CA ILE A 278 -21.99 34.23 -22.31
C ILE A 278 -23.05 34.95 -23.15
N LYS A 279 -23.72 35.95 -22.60
CA LYS A 279 -24.71 36.68 -23.39
C LYS A 279 -24.05 37.57 -24.44
N LYS A 280 -23.00 38.29 -24.05
CA LYS A 280 -22.35 39.25 -24.94
C LYS A 280 -21.17 38.64 -25.70
N SER A 281 -20.79 37.40 -25.40
CA SER A 281 -19.65 36.78 -26.05
C SER A 281 -20.00 35.34 -26.42
N PRO A 282 -19.47 34.82 -27.52
CA PRO A 282 -19.70 33.43 -27.88
C PRO A 282 -18.61 32.50 -27.36
N LEU A 283 -19.03 31.27 -27.04
CA LEU A 283 -18.10 30.25 -26.58
C LEU A 283 -17.18 29.76 -27.69
N THR A 284 -17.47 30.08 -28.95
CA THR A 284 -16.67 29.60 -30.06
C THR A 284 -15.24 30.15 -30.05
N ILE A 285 -14.96 31.17 -29.23
CA ILE A 285 -13.59 31.67 -29.12
C ILE A 285 -12.68 30.59 -28.55
N CYS A 286 -13.10 29.97 -27.44
CA CYS A 286 -12.31 28.91 -26.85
C CYS A 286 -12.44 27.60 -27.62
N TYR A 287 -13.64 27.30 -28.12
CA TYR A 287 -13.95 26.04 -28.80
C TYR A 287 -14.50 26.36 -30.18
N PRO A 288 -13.64 26.47 -31.20
CA PRO A 288 -14.13 26.84 -32.54
C PRO A 288 -15.05 25.81 -33.17
N GLU A 289 -15.06 24.58 -32.66
CA GLU A 289 -15.91 23.53 -33.19
C GLU A 289 -17.25 23.45 -32.47
N TYR A 290 -17.55 24.41 -31.59
CA TYR A 290 -18.84 24.43 -30.93
C TYR A 290 -19.95 24.73 -31.93
N ALA A 291 -21.03 23.96 -31.88
CA ALA A 291 -22.18 24.12 -32.77
C ALA A 291 -23.45 24.04 -31.93
N GLY A 292 -23.90 25.19 -31.44
CA GLY A 292 -25.12 25.23 -30.65
C GLY A 292 -25.42 26.66 -30.24
N SER A 293 -26.56 26.82 -29.58
CA SER A 293 -26.98 28.13 -29.11
C SER A 293 -26.10 28.57 -27.94
N ASN A 294 -26.06 29.88 -27.72
CA ASN A 294 -25.23 30.48 -26.69
C ASN A 294 -25.93 30.58 -25.34
N THR A 295 -26.94 29.74 -25.10
CA THR A 295 -27.58 29.72 -23.80
C THR A 295 -26.62 29.19 -22.74
N TYR A 296 -26.84 29.61 -21.49
CA TYR A 296 -25.94 29.23 -20.41
C TYR A 296 -25.95 27.73 -20.17
N GLU A 297 -27.13 27.11 -20.20
CA GLU A 297 -27.22 25.68 -19.90
C GLU A 297 -26.47 24.85 -20.93
N GLU A 298 -26.68 25.15 -22.22
CA GLU A 298 -26.02 24.37 -23.27
C GLU A 298 -24.50 24.53 -23.20
N ALA A 299 -24.02 25.77 -22.98
CA ALA A 299 -22.59 26.00 -22.90
C ALA A 299 -21.98 25.27 -21.70
N ALA A 300 -22.64 25.34 -20.54
CA ALA A 300 -22.13 24.66 -19.36
C ALA A 300 -22.10 23.15 -19.56
N ALA A 301 -23.15 22.59 -20.17
CA ALA A 301 -23.16 21.16 -20.45
C ALA A 301 -22.04 20.78 -21.42
N TYR A 302 -21.81 21.60 -22.44
CA TYR A 302 -20.75 21.31 -23.40
C TYR A 302 -19.39 21.31 -22.71
N ILE A 303 -19.16 22.29 -21.82
CA ILE A 303 -17.89 22.33 -21.09
C ILE A 303 -17.74 21.11 -20.20
N GLN A 304 -18.81 20.70 -19.54
CA GLN A 304 -18.76 19.52 -18.68
C GLN A 304 -18.41 18.27 -19.48
N CYS A 305 -19.03 18.09 -20.65
CA CYS A 305 -18.69 16.94 -21.48
C CYS A 305 -17.26 17.03 -22.02
N GLN A 306 -16.79 18.24 -22.31
CA GLN A 306 -15.40 18.38 -22.75
C GLN A 306 -14.43 17.94 -21.66
N PHE A 307 -14.71 18.29 -20.41
CA PHE A 307 -13.84 17.87 -19.33
C PHE A 307 -13.95 16.37 -19.06
N GLU A 308 -15.17 15.83 -18.99
CA GLU A 308 -15.34 14.42 -18.67
C GLU A 308 -14.89 13.50 -19.80
N ASP A 309 -14.67 14.02 -21.00
CA ASP A 309 -14.22 13.20 -22.11
C ASP A 309 -12.75 12.83 -22.02
N LEU A 310 -11.97 13.58 -21.23
CA LEU A 310 -10.54 13.32 -21.08
C LEU A 310 -10.24 12.10 -20.22
N ASN A 311 -11.23 11.57 -19.50
CA ASN A 311 -11.05 10.39 -18.66
C ASN A 311 -10.86 9.17 -19.55
N LYS A 312 -9.66 8.61 -19.55
CA LYS A 312 -9.34 7.47 -20.40
C LYS A 312 -9.51 6.13 -19.70
N ARG A 313 -9.92 6.12 -18.43
CA ARG A 313 -10.17 4.86 -17.74
C ARG A 313 -11.63 4.44 -17.83
N LYS A 314 -12.52 5.26 -17.26
CA LYS A 314 -13.97 5.05 -17.32
C LYS A 314 -14.40 3.73 -16.68
N ASP A 315 -13.45 2.98 -16.10
CA ASP A 315 -13.75 1.69 -15.51
C ASP A 315 -13.19 1.57 -14.10
N THR A 316 -12.13 2.30 -13.81
CA THR A 316 -11.53 2.29 -12.47
C THR A 316 -11.90 3.50 -11.62
N LYS A 317 -12.18 4.64 -12.23
CA LYS A 317 -12.43 5.87 -11.49
C LYS A 317 -13.71 6.54 -11.97
N GLU A 318 -14.31 7.32 -11.08
CA GLU A 318 -15.53 8.06 -11.35
C GLU A 318 -15.28 9.54 -11.16
N ILE A 319 -15.86 10.36 -12.03
CA ILE A 319 -15.70 11.82 -11.98
C ILE A 319 -17.03 12.43 -11.60
N TYR A 320 -17.03 13.23 -10.54
CA TYR A 320 -18.21 13.94 -10.07
C TYR A 320 -18.06 15.41 -10.41
N THR A 321 -19.07 15.97 -11.09
CA THR A 321 -19.02 17.35 -11.54
C THR A 321 -20.13 18.15 -10.87
N HIS A 322 -19.79 19.34 -10.38
CA HIS A 322 -20.74 20.22 -9.72
C HIS A 322 -20.57 21.64 -10.23
N PHE A 323 -21.69 22.34 -10.41
CA PHE A 323 -21.70 23.74 -10.79
C PHE A 323 -21.99 24.57 -9.53
N THR A 324 -21.04 25.42 -9.16
CA THR A 324 -21.14 26.19 -7.93
C THR A 324 -20.99 27.67 -8.25
N CYS A 325 -21.04 28.49 -7.21
CA CYS A 325 -20.86 29.93 -7.32
C CYS A 325 -20.24 30.43 -6.02
N SER A 326 -20.28 31.76 -5.83
CA SER A 326 -19.71 32.35 -4.62
C SER A 326 -20.64 32.25 -3.43
N THR A 327 -21.89 31.81 -3.63
CA THR A 327 -22.88 31.74 -2.57
C THR A 327 -23.65 30.41 -2.59
N ASP A 328 -23.03 29.37 -3.14
CA ASP A 328 -23.71 28.07 -3.24
C ASP A 328 -23.96 27.47 -1.86
N THR A 329 -23.01 27.62 -0.94
CA THR A 329 -23.09 27.20 0.47
C THR A 329 -23.63 25.77 0.64
N LYS A 330 -23.45 24.91 -0.36
CA LYS A 330 -23.84 23.50 -0.24
C LYS A 330 -22.78 22.57 -0.82
N ASN A 331 -21.56 23.06 -1.04
CA ASN A 331 -20.53 22.24 -1.66
C ASN A 331 -20.02 21.16 -0.72
N VAL A 332 -20.04 21.41 0.58
CA VAL A 332 -19.55 20.41 1.53
C VAL A 332 -20.45 19.18 1.52
N GLN A 333 -21.75 19.35 1.30
CA GLN A 333 -22.65 18.20 1.18
C GLN A 333 -22.31 17.37 -0.05
N PHE A 334 -21.99 18.03 -1.16
CA PHE A 334 -21.60 17.31 -2.37
C PHE A 334 -20.31 16.52 -2.13
N VAL A 335 -19.34 17.15 -1.47
CA VAL A 335 -18.08 16.45 -1.17
C VAL A 335 -18.34 15.26 -0.27
N PHE A 336 -19.21 15.44 0.73
CA PHE A 336 -19.55 14.34 1.63
C PHE A 336 -20.20 13.18 0.89
N ASP A 337 -21.12 13.49 -0.04
CA ASP A 337 -21.78 12.42 -0.80
C ASP A 337 -20.79 11.67 -1.69
N ALA A 338 -19.90 12.40 -2.37
CA ALA A 338 -18.91 11.74 -3.21
C ALA A 338 -17.98 10.87 -2.38
N VAL A 339 -17.56 11.35 -1.21
CA VAL A 339 -16.69 10.58 -0.34
C VAL A 339 -17.40 9.33 0.15
N THR A 340 -18.69 9.45 0.49
CA THR A 340 -19.45 8.28 0.92
C THR A 340 -19.55 7.24 -0.19
N ASP A 341 -19.78 7.68 -1.43
CA ASP A 341 -19.81 6.73 -2.54
C ASP A 341 -18.46 6.03 -2.71
N VAL A 342 -17.37 6.79 -2.62
CA VAL A 342 -16.04 6.20 -2.77
C VAL A 342 -15.78 5.18 -1.66
N ILE A 343 -16.16 5.50 -0.43
CA ILE A 343 -15.92 4.59 0.69
C ILE A 343 -16.77 3.33 0.57
N ILE A 344 -18.01 3.48 0.09
CA ILE A 344 -18.85 2.30 -0.14
C ILE A 344 -18.23 1.40 -1.20
N LYS A 345 -17.73 1.99 -2.28
CA LYS A 345 -17.07 1.19 -3.31
C LYS A 345 -15.83 0.49 -2.76
N ASN A 346 -15.06 1.19 -1.93
CA ASN A 346 -13.88 0.57 -1.33
C ASN A 346 -14.26 -0.60 -0.43
N ASN A 347 -15.30 -0.44 0.38
CA ASN A 347 -15.75 -1.52 1.25
C ASN A 347 -16.22 -2.72 0.44
N LEU A 348 -16.98 -2.48 -0.63
CA LEU A 348 -17.45 -3.57 -1.47
C LEU A 348 -16.30 -4.29 -2.16
N LYS A 349 -15.30 -3.53 -2.63
CA LYS A 349 -14.11 -4.17 -3.20
C LYS A 349 -13.38 -5.00 -2.17
N ASP A 350 -13.29 -4.51 -0.92
CA ASP A 350 -12.60 -5.26 0.12
C ASP A 350 -13.33 -6.56 0.45
N CYS A 351 -14.66 -6.51 0.57
CA CYS A 351 -15.40 -7.70 1.01
C CYS A 351 -15.38 -8.80 -0.06
N GLY A 352 -15.37 -8.42 -1.33
CA GLY A 352 -15.36 -9.40 -2.40
C GLY A 352 -16.28 -9.07 -3.55
N LEU A 353 -17.35 -8.33 -3.26
CA LEU A 353 -18.29 -7.94 -4.31
C LEU A 353 -17.71 -6.81 -5.15
N PHE A 354 -18.55 -6.28 -6.04
CA PHE A 354 -18.22 -5.12 -6.87
C PHE A 354 -17.05 -5.42 -7.82
N GLN B 1 22.12 41.34 -30.90
CA GLN B 1 22.39 40.08 -30.23
C GLN B 1 23.70 39.48 -30.73
N SER B 2 24.51 40.30 -31.40
CA SER B 2 25.79 39.84 -31.90
C SER B 2 26.73 39.47 -30.76
N GLU B 3 26.73 40.27 -29.69
CA GLU B 3 27.58 39.96 -28.54
C GLU B 3 27.14 38.67 -27.88
N LEU B 4 25.83 38.44 -27.77
CA LEU B 4 25.33 37.19 -27.22
C LEU B 4 25.74 36.01 -28.10
N ASP B 5 25.69 36.18 -29.42
CA ASP B 5 26.09 35.10 -30.33
C ASP B 5 27.58 34.79 -30.19
N GLN B 6 28.42 35.81 -30.11
CA GLN B 6 29.85 35.55 -29.96
C GLN B 6 30.17 34.95 -28.60
N LEU B 7 29.42 35.33 -27.56
CA LEU B 7 29.58 34.69 -26.26
C LEU B 7 29.19 33.22 -26.31
N ARG B 8 28.09 32.91 -27.01
CA ARG B 8 27.70 31.51 -27.17
C ARG B 8 28.75 30.72 -27.93
N GLN B 9 29.34 31.35 -28.96
CA GLN B 9 30.42 30.69 -29.70
C GLN B 9 31.62 30.44 -28.81
N GLU B 10 31.96 31.41 -27.95
CA GLU B 10 33.07 31.23 -27.02
C GLU B 10 32.79 30.09 -26.03
N ALA B 11 31.55 30.01 -25.54
CA ALA B 11 31.19 28.92 -24.64
C ALA B 11 31.27 27.58 -25.34
N GLU B 12 30.82 27.51 -26.60
CA GLU B 12 30.91 26.27 -27.35
C GLU B 12 32.36 25.87 -27.58
N GLN B 13 33.23 26.85 -27.87
CA GLN B 13 34.65 26.55 -28.03
C GLN B 13 35.25 26.04 -26.73
N LEU B 14 34.88 26.64 -25.60
CA LEU B 14 35.37 26.17 -24.31
C LEU B 14 34.92 24.74 -24.03
N LYS B 15 33.65 24.43 -24.32
CA LYS B 15 33.15 23.08 -24.12
C LYS B 15 33.88 22.09 -25.01
N ASN B 16 34.14 22.46 -26.27
CA ASN B 16 34.89 21.59 -27.17
C ASN B 16 36.31 21.36 -26.66
N GLN B 17 36.95 22.41 -26.14
CA GLN B 17 38.29 22.25 -25.59
C GLN B 17 38.29 21.32 -24.38
N ILE B 18 37.30 21.46 -23.50
CA ILE B 18 37.21 20.59 -22.33
C ILE B 18 37.01 19.15 -22.76
N ARG B 19 36.11 18.91 -23.72
CA ARG B 19 35.86 17.56 -24.20
C ARG B 19 37.10 16.97 -24.85
N ASP B 20 37.83 17.78 -25.63
CA ASP B 20 39.05 17.28 -26.26
C ASP B 20 40.11 16.93 -25.23
N ALA B 21 40.26 17.75 -24.18
CA ALA B 21 41.20 17.43 -23.13
C ALA B 21 40.80 16.15 -22.40
N ARG B 22 39.50 15.98 -22.13
CA ARG B 22 39.04 14.76 -21.48
C ARG B 22 39.32 13.54 -22.33
N LYS B 23 39.09 13.65 -23.64
CA LYS B 23 39.41 12.54 -24.54
C LYS B 23 40.90 12.25 -24.57
N ALA B 24 41.73 13.30 -24.57
CA ALA B 24 43.17 13.11 -24.61
C ALA B 24 43.68 12.42 -23.34
N CYS B 25 43.12 12.76 -22.18
CA CYS B 25 43.58 12.15 -20.94
C CYS B 25 43.16 10.70 -20.79
N ALA B 26 42.29 10.18 -21.66
CA ALA B 26 41.78 8.81 -21.55
C ALA B 26 42.67 7.88 -22.36
N ASP B 27 43.77 7.45 -21.72
CA ASP B 27 44.69 6.52 -22.38
C ASP B 27 44.16 5.09 -22.39
N ALA B 28 43.46 4.67 -21.35
CA ALA B 28 42.97 3.30 -21.25
C ALA B 28 41.66 3.30 -20.47
N THR B 29 41.15 2.11 -20.19
CA THR B 29 39.90 1.95 -19.46
C THR B 29 40.12 1.02 -18.26
N LEU B 30 39.29 1.22 -17.22
CA LEU B 30 39.42 0.43 -16.01
C LEU B 30 39.09 -1.03 -16.25
N SER B 31 38.11 -1.32 -17.11
CA SER B 31 37.64 -2.69 -17.28
C SER B 31 38.73 -3.60 -17.82
N GLN B 32 39.50 -3.12 -18.80
CA GLN B 32 40.57 -3.93 -19.35
C GLN B 32 41.77 -4.00 -18.43
N ILE B 33 41.99 -2.97 -17.59
CA ILE B 33 43.08 -3.01 -16.63
C ILE B 33 42.79 -4.06 -15.55
N THR B 34 41.52 -4.19 -15.14
CA THR B 34 41.14 -5.11 -14.09
C THR B 34 40.88 -6.52 -14.62
N ASN B 35 41.41 -6.88 -15.79
CA ASN B 35 41.16 -8.19 -16.36
C ASN B 35 41.74 -9.30 -15.49
N ASN B 36 42.95 -9.09 -14.97
CA ASN B 36 43.64 -10.11 -14.18
C ASN B 36 43.32 -9.97 -12.69
N ILE B 37 42.03 -9.95 -12.36
CA ILE B 37 41.56 -9.87 -10.99
C ILE B 37 40.61 -11.05 -10.75
N ASP B 38 40.84 -11.77 -9.66
CA ASP B 38 40.00 -12.92 -9.35
C ASP B 38 38.57 -12.47 -9.07
N PRO B 39 37.57 -12.96 -9.80
CA PRO B 39 36.20 -12.54 -9.53
C PRO B 39 35.77 -12.89 -8.12
N VAL B 40 35.01 -11.97 -7.51
CA VAL B 40 34.49 -12.21 -6.18
C VAL B 40 33.47 -13.34 -6.23
N GLY B 41 33.47 -14.18 -5.19
CA GLY B 41 32.50 -15.25 -5.12
C GLY B 41 31.08 -14.72 -5.03
N ARG B 42 30.13 -15.60 -5.37
CA ARG B 42 28.73 -15.23 -5.35
C ARG B 42 28.31 -14.82 -3.94
N ILE B 43 28.06 -13.53 -3.74
CA ILE B 43 27.70 -13.02 -2.42
C ILE B 43 26.28 -13.44 -2.09
N GLN B 44 26.09 -13.98 -0.90
CA GLN B 44 24.77 -14.41 -0.44
C GLN B 44 24.61 -13.96 1.01
N MET B 45 23.82 -12.91 1.23
CA MET B 45 23.48 -12.44 2.56
C MET B 45 22.06 -12.87 2.92
N ARG B 46 21.79 -12.90 4.22
CA ARG B 46 20.49 -13.33 4.73
C ARG B 46 19.92 -12.27 5.65
N THR B 47 18.60 -12.21 5.73
CA THR B 47 17.90 -11.24 6.57
C THR B 47 18.08 -11.65 8.03
N ARG B 48 19.03 -11.01 8.71
CA ARG B 48 19.27 -11.31 10.12
C ARG B 48 18.21 -10.67 11.01
N ARG B 49 17.78 -9.45 10.69
CA ARG B 49 16.80 -8.72 11.48
C ARG B 49 15.71 -8.16 10.58
N THR B 50 14.53 -7.96 11.17
CA THR B 50 13.41 -7.31 10.49
C THR B 50 12.73 -6.38 11.48
N LEU B 51 12.75 -5.09 11.19
CA LEU B 51 12.21 -4.08 12.09
C LEU B 51 10.84 -3.65 11.61
N ARG B 52 9.84 -3.75 12.49
CA ARG B 52 8.46 -3.42 12.18
C ARG B 52 7.96 -2.36 13.15
N GLY B 53 6.93 -1.63 12.71
CA GLY B 53 6.36 -0.57 13.51
C GLY B 53 5.91 0.63 12.70
N HIS B 54 6.52 0.85 11.54
CA HIS B 54 6.06 1.90 10.64
C HIS B 54 4.77 1.47 9.96
N LEU B 55 3.83 2.40 9.83
CA LEU B 55 2.52 2.12 9.26
C LEU B 55 2.32 2.73 7.88
N ALA B 56 3.36 3.33 7.31
CA ALA B 56 3.28 3.92 5.98
C ALA B 56 4.62 3.70 5.28
N LYS B 57 4.74 4.25 4.08
CA LYS B 57 5.95 4.06 3.29
C LYS B 57 7.15 4.69 4.00
N ILE B 58 8.30 4.03 3.87
CA ILE B 58 9.55 4.51 4.44
C ILE B 58 10.34 5.19 3.33
N TYR B 59 10.81 6.41 3.59
CA TYR B 59 11.48 7.21 2.59
C TYR B 59 12.97 7.37 2.80
N ALA B 60 13.45 7.30 4.04
CA ALA B 60 14.86 7.52 4.30
C ALA B 60 15.28 6.77 5.56
N MET B 61 16.59 6.51 5.65
CA MET B 61 17.20 5.93 6.84
C MET B 61 18.64 6.40 6.92
N HIS B 62 19.22 6.33 8.11
CA HIS B 62 20.60 6.73 8.29
C HIS B 62 21.20 5.99 9.48
N TRP B 63 22.41 5.48 9.30
CA TRP B 63 23.10 4.75 10.34
C TRP B 63 23.81 5.70 11.30
N GLY B 64 23.89 5.29 12.57
CA GLY B 64 24.72 6.00 13.51
C GLY B 64 26.19 5.66 13.35
N THR B 65 27.04 6.51 13.92
CA THR B 65 28.48 6.30 13.80
C THR B 65 29.00 5.17 14.67
N ASP B 66 28.22 4.71 15.64
CA ASP B 66 28.61 3.57 16.45
C ASP B 66 28.23 2.24 15.81
N SER B 67 27.61 2.27 14.63
CA SER B 67 27.24 1.06 13.89
C SER B 67 26.24 0.20 14.65
N ARG B 68 25.47 0.81 15.53
CA ARG B 68 24.44 0.09 16.27
C ARG B 68 23.07 0.74 16.19
N LEU B 69 23.00 2.07 16.18
CA LEU B 69 21.74 2.79 16.16
C LEU B 69 21.47 3.34 14.77
N LEU B 70 20.19 3.46 14.43
CA LEU B 70 19.80 4.02 13.15
C LEU B 70 18.45 4.71 13.31
N VAL B 71 18.18 5.66 12.40
CA VAL B 71 16.94 6.43 12.39
C VAL B 71 16.27 6.24 11.04
N SER B 72 14.94 6.15 11.04
CA SER B 72 14.18 6.01 9.81
C SER B 72 12.99 6.96 9.83
N ALA B 73 12.57 7.39 8.64
CA ALA B 73 11.49 8.35 8.47
C ALA B 73 10.37 7.74 7.63
N SER B 74 9.14 8.00 8.03
CA SER B 74 7.97 7.45 7.35
C SER B 74 6.92 8.53 7.16
N GLN B 75 6.04 8.31 6.18
CA GLN B 75 5.01 9.27 5.82
C GLN B 75 3.82 9.27 6.77
N ASP B 76 3.85 8.48 7.84
CA ASP B 76 2.86 8.57 8.89
C ASP B 76 3.25 9.59 9.96
N GLY B 77 4.22 10.45 9.65
CA GLY B 77 4.68 11.47 10.59
C GLY B 77 5.42 10.94 11.80
N LYS B 78 6.28 9.94 11.62
CA LYS B 78 7.03 9.35 12.71
C LYS B 78 8.50 9.27 12.35
N LEU B 79 9.35 9.47 13.36
CA LEU B 79 10.80 9.38 13.22
C LEU B 79 11.29 8.44 14.32
N ILE B 80 11.56 7.18 13.96
CA ILE B 80 11.88 6.14 14.93
C ILE B 80 13.38 5.89 14.92
N ILE B 81 13.95 5.74 16.12
CA ILE B 81 15.35 5.36 16.30
C ILE B 81 15.39 3.93 16.82
N TRP B 82 16.11 3.07 16.12
CA TRP B 82 16.12 1.64 16.41
C TRP B 82 17.46 1.21 16.97
N ASP B 83 17.43 0.14 17.76
CA ASP B 83 18.63 -0.58 18.18
C ASP B 83 18.75 -1.81 17.27
N SER B 84 19.76 -1.80 16.40
CA SER B 84 19.86 -2.85 15.40
C SER B 84 20.20 -4.21 16.01
N TYR B 85 20.85 -4.21 17.17
CA TYR B 85 21.24 -5.48 17.79
C TYR B 85 20.03 -6.21 18.37
N THR B 86 19.14 -5.49 19.05
CA THR B 86 18.06 -6.11 19.80
C THR B 86 16.67 -5.73 19.29
N THR B 87 16.57 -4.96 18.21
CA THR B 87 15.31 -4.56 17.56
C THR B 87 14.52 -3.57 18.41
N ASN B 88 14.95 -3.30 19.64
CA ASN B 88 14.21 -2.41 20.53
C ASN B 88 14.17 -1.00 19.97
N LYS B 89 13.03 -0.33 20.17
CA LYS B 89 12.85 1.06 19.77
C LYS B 89 13.25 1.97 20.92
N VAL B 90 14.12 2.93 20.65
CA VAL B 90 14.60 3.84 21.68
C VAL B 90 13.76 5.11 21.74
N HIS B 91 13.42 5.69 20.59
CA HIS B 91 12.65 6.91 20.54
C HIS B 91 11.61 6.83 19.44
N ALA B 92 10.58 7.68 19.54
CA ALA B 92 9.55 7.82 18.52
C ALA B 92 9.14 9.28 18.49
N ILE B 93 9.74 10.05 17.58
CA ILE B 93 9.55 11.49 17.51
C ILE B 93 8.40 11.77 16.54
N PRO B 94 7.34 12.42 16.98
CA PRO B 94 6.30 12.87 16.05
C PRO B 94 6.70 14.15 15.34
N LEU B 95 6.30 14.25 14.08
CA LEU B 95 6.64 15.38 13.23
C LEU B 95 5.43 16.28 13.02
N ARG B 96 5.69 17.59 12.93
CA ARG B 96 4.62 18.54 12.66
C ARG B 96 4.02 18.30 11.28
N SER B 97 4.86 18.06 10.28
CA SER B 97 4.44 17.78 8.92
C SER B 97 4.80 16.34 8.57
N SER B 98 3.82 15.58 8.09
CA SER B 98 4.02 14.16 7.84
C SER B 98 4.65 13.88 6.47
N TRP B 99 4.86 14.89 5.65
CA TRP B 99 5.40 14.68 4.30
C TRP B 99 6.92 14.71 4.29
N VAL B 100 7.53 13.91 5.16
CA VAL B 100 8.98 13.88 5.28
C VAL B 100 9.59 13.14 4.09
N MET B 101 10.75 13.62 3.63
CA MET B 101 11.44 13.02 2.50
C MET B 101 12.87 12.60 2.78
N THR B 102 13.48 13.08 3.87
CA THR B 102 14.86 12.74 4.18
C THR B 102 15.07 12.84 5.68
N CYS B 103 16.16 12.22 6.14
CA CYS B 103 16.55 12.28 7.55
C CYS B 103 18.05 12.06 7.65
N ALA B 104 18.63 12.52 8.76
CA ALA B 104 20.06 12.43 8.97
C ALA B 104 20.35 12.19 10.45
N TYR B 105 21.55 11.69 10.72
CA TYR B 105 22.00 11.42 12.08
C TYR B 105 23.31 12.16 12.30
N ALA B 106 23.42 12.84 13.45
CA ALA B 106 24.62 13.59 13.74
C ALA B 106 25.79 12.64 13.99
N PRO B 107 27.00 12.99 13.56
CA PRO B 107 28.15 12.10 13.79
C PRO B 107 28.44 11.86 15.26
N SER B 108 28.11 12.82 16.13
CA SER B 108 28.31 12.65 17.56
C SER B 108 27.18 11.91 18.24
N GLY B 109 26.09 11.63 17.52
CA GLY B 109 24.95 10.94 18.10
C GLY B 109 24.04 11.80 18.94
N ASN B 110 24.17 13.13 18.84
CA ASN B 110 23.41 14.04 19.70
C ASN B 110 22.16 14.61 19.04
N TYR B 111 22.12 14.67 17.71
CA TYR B 111 21.01 15.30 17.01
C TYR B 111 20.56 14.43 15.85
N VAL B 112 19.31 14.64 15.44
CA VAL B 112 18.77 14.10 14.19
C VAL B 112 18.07 15.23 13.47
N ALA B 113 17.98 15.11 12.14
CA ALA B 113 17.36 16.13 11.31
C ALA B 113 16.44 15.46 10.31
N CYS B 114 15.44 16.22 9.84
CA CYS B 114 14.49 15.71 8.86
C CYS B 114 13.85 16.89 8.15
N GLY B 115 13.27 16.59 6.98
CA GLY B 115 12.61 17.61 6.19
C GLY B 115 11.80 16.98 5.08
N GLY B 116 11.03 17.80 4.40
CA GLY B 116 10.17 17.31 3.34
C GLY B 116 9.50 18.40 2.53
N LEU B 117 8.21 18.21 2.25
CA LEU B 117 7.46 19.16 1.42
C LEU B 117 7.17 20.48 2.13
N ASP B 118 7.44 20.57 3.44
CA ASP B 118 7.20 21.79 4.18
C ASP B 118 8.29 22.84 3.98
N ASN B 119 9.38 22.49 3.30
CA ASN B 119 10.51 23.36 3.02
C ASN B 119 11.30 23.73 4.28
N ILE B 120 11.14 22.96 5.36
CA ILE B 120 11.80 23.24 6.63
C ILE B 120 12.69 22.06 6.97
N CYS B 121 13.87 22.36 7.52
CA CYS B 121 14.77 21.35 8.06
C CYS B 121 14.74 21.45 9.58
N SER B 122 14.03 20.53 10.21
CA SER B 122 13.86 20.54 11.67
C SER B 122 14.95 19.70 12.33
N ILE B 123 15.47 20.20 13.44
CA ILE B 123 16.58 19.58 14.15
C ILE B 123 16.13 19.28 15.57
N TYR B 124 16.35 18.04 16.01
CA TYR B 124 15.89 17.57 17.31
C TYR B 124 17.08 17.25 18.21
N ASN B 125 16.89 17.45 19.51
CA ASN B 125 17.91 17.16 20.51
C ASN B 125 17.61 15.82 21.15
N LEU B 126 18.57 14.90 21.10
CA LEU B 126 18.37 13.56 21.60
C LEU B 126 18.73 13.43 23.08
N LYS B 127 19.85 14.01 23.49
CA LYS B 127 20.31 13.94 24.88
C LYS B 127 19.96 15.25 25.57
N THR B 128 18.93 15.23 26.41
CA THR B 128 18.46 16.39 27.12
C THR B 128 18.41 16.09 28.62
N ARG B 129 18.06 17.13 29.40
CA ARG B 129 17.94 16.95 30.85
C ARG B 129 16.84 15.95 31.19
N GLU B 130 15.71 16.02 30.51
CA GLU B 130 14.64 15.07 30.70
C GLU B 130 14.82 13.88 29.75
N GLY B 131 13.87 12.96 29.78
CA GLY B 131 13.88 11.80 28.91
C GLY B 131 13.15 11.97 27.60
N ASN B 132 12.71 13.18 27.26
CA ASN B 132 11.94 13.43 26.07
C ASN B 132 12.83 14.06 24.99
N VAL B 133 12.23 14.31 23.83
CA VAL B 133 12.90 14.92 22.69
C VAL B 133 12.11 16.14 22.27
N ARG B 134 12.81 17.26 22.09
CA ARG B 134 12.17 18.52 21.72
C ARG B 134 12.89 19.15 20.54
N VAL B 135 12.16 19.98 19.80
CA VAL B 135 12.71 20.65 18.63
C VAL B 135 13.73 21.68 19.08
N SER B 136 14.89 21.69 18.45
CA SER B 136 15.96 22.63 18.78
C SER B 136 16.10 23.77 17.79
N ARG B 137 15.76 23.55 16.52
CA ARG B 137 15.92 24.58 15.51
C ARG B 137 15.00 24.26 14.33
N GLU B 138 14.75 25.28 13.51
CA GLU B 138 13.96 25.13 12.29
C GLU B 138 14.52 26.06 11.24
N LEU B 139 15.16 25.49 10.22
CA LEU B 139 15.79 26.27 9.16
C LEU B 139 14.79 26.45 8.03
N ALA B 140 14.52 27.71 7.67
CA ALA B 140 13.39 28.06 6.82
C ALA B 140 13.80 29.03 5.71
N GLY B 141 14.87 28.70 5.00
CA GLY B 141 15.34 29.57 3.94
C GLY B 141 15.09 29.08 2.53
N HIS B 142 14.66 27.84 2.38
CA HIS B 142 14.46 27.26 1.06
C HIS B 142 13.06 27.56 0.53
N THR B 143 12.94 27.59 -0.80
CA THR B 143 11.67 27.86 -1.46
C THR B 143 11.08 26.62 -2.13
N GLY B 144 11.79 25.49 -2.11
CA GLY B 144 11.27 24.25 -2.64
C GLY B 144 11.45 23.13 -1.63
N TYR B 145 10.89 21.97 -1.97
CA TYR B 145 10.93 20.84 -1.06
C TYR B 145 12.37 20.42 -0.78
N LEU B 146 12.64 20.01 0.45
CA LEU B 146 13.98 19.64 0.87
C LEU B 146 14.16 18.14 0.67
N SER B 147 15.25 17.77 -0.03
CA SER B 147 15.44 16.40 -0.47
C SER B 147 16.58 15.65 0.22
N CYS B 148 17.54 16.36 0.80
CA CYS B 148 18.63 15.69 1.50
C CYS B 148 19.27 16.66 2.48
N CYS B 149 19.85 16.10 3.54
CA CYS B 149 20.55 16.89 4.55
C CYS B 149 21.61 16.02 5.20
N ARG B 150 22.77 16.62 5.47
CA ARG B 150 23.88 15.91 6.09
C ARG B 150 24.57 16.81 7.11
N PHE B 151 25.04 16.21 8.19
CA PHE B 151 25.70 16.93 9.26
C PHE B 151 27.19 16.99 9.01
N LEU B 152 27.77 18.17 9.18
CA LEU B 152 29.22 18.31 9.19
C LEU B 152 29.77 18.26 10.62
N ASP B 153 29.14 19.00 11.52
CA ASP B 153 29.48 19.01 12.94
C ASP B 153 28.16 19.04 13.71
N ASP B 154 28.23 19.33 14.99
CA ASP B 154 27.03 19.60 15.77
C ASP B 154 26.49 21.00 15.54
N ASN B 155 27.21 21.83 14.77
CA ASN B 155 26.80 23.22 14.56
C ASN B 155 26.73 23.58 13.07
N GLN B 156 26.84 22.62 12.17
CA GLN B 156 26.74 22.88 10.74
C GLN B 156 25.94 21.77 10.07
N ILE B 157 25.23 22.12 9.01
CA ILE B 157 24.44 21.16 8.24
C ILE B 157 24.32 21.68 6.81
N VAL B 158 24.35 20.75 5.86
CA VAL B 158 24.23 21.07 4.43
C VAL B 158 22.95 20.43 3.92
N THR B 159 22.12 21.23 3.24
CA THR B 159 20.85 20.78 2.71
C THR B 159 20.78 21.00 1.21
N SER B 160 19.94 20.20 0.56
CA SER B 160 19.63 20.37 -0.85
C SER B 160 18.12 20.43 -1.01
N SER B 161 17.67 21.15 -2.03
CA SER B 161 16.25 21.45 -2.18
C SER B 161 15.84 21.36 -3.65
N GLY B 162 14.52 21.44 -3.86
CA GLY B 162 13.93 21.45 -5.17
C GLY B 162 13.93 22.79 -5.86
N ASP B 163 14.50 23.83 -5.23
CA ASP B 163 14.70 25.11 -5.86
C ASP B 163 16.06 25.22 -6.55
N THR B 164 16.65 24.08 -6.91
CA THR B 164 17.89 24.00 -7.66
C THR B 164 19.08 24.60 -6.91
N THR B 165 19.05 24.57 -5.57
CA THR B 165 20.12 25.15 -4.77
C THR B 165 20.47 24.22 -3.61
N CYS B 166 21.70 24.34 -3.14
CA CYS B 166 22.16 23.74 -1.90
C CYS B 166 22.66 24.83 -0.98
N ALA B 167 22.48 24.65 0.32
CA ALA B 167 22.81 25.68 1.29
C ALA B 167 23.52 25.08 2.49
N LEU B 168 24.34 25.89 3.15
CA LEU B 168 25.03 25.53 4.38
C LEU B 168 24.52 26.40 5.51
N TRP B 169 24.23 25.81 6.65
CA TRP B 169 23.53 26.47 7.73
C TRP B 169 24.39 26.53 8.99
N ASP B 170 23.92 27.33 9.95
CA ASP B 170 24.50 27.41 11.28
C ASP B 170 23.37 27.20 12.29
N ILE B 171 23.47 26.13 13.08
CA ILE B 171 22.33 25.70 13.89
C ILE B 171 21.98 26.75 14.94
N GLU B 172 23.00 27.27 15.64
CA GLU B 172 22.73 28.20 16.73
C GLU B 172 22.29 29.56 16.21
N THR B 173 22.76 29.97 15.03
CA THR B 173 22.34 31.23 14.43
C THR B 173 21.06 31.07 13.64
N GLY B 174 21.04 30.14 12.68
CA GLY B 174 19.87 29.89 11.87
C GLY B 174 19.85 30.53 10.50
N GLN B 175 21.01 30.94 9.98
CA GLN B 175 21.09 31.63 8.70
C GLN B 175 21.95 30.85 7.72
N GLN B 176 21.68 31.04 6.44
CA GLN B 176 22.46 30.38 5.39
C GLN B 176 23.83 31.03 5.28
N THR B 177 24.86 30.34 5.74
CA THR B 177 26.22 30.87 5.63
C THR B 177 26.67 30.94 4.17
N THR B 178 26.35 29.93 3.38
CA THR B 178 26.79 29.86 1.99
C THR B 178 25.63 29.34 1.15
N THR B 179 25.64 29.68 -0.14
CA THR B 179 24.65 29.19 -1.09
C THR B 179 25.35 28.71 -2.35
N PHE B 180 24.85 27.61 -2.91
CA PHE B 180 25.42 27.00 -4.11
C PHE B 180 24.32 26.97 -5.17
N THR B 181 24.51 27.70 -6.26
CA THR B 181 23.45 27.95 -7.23
C THR B 181 23.83 27.50 -8.64
N GLY B 182 24.70 26.51 -8.76
CA GLY B 182 25.13 26.06 -10.08
C GLY B 182 24.04 25.34 -10.87
N HIS B 183 23.26 24.51 -10.19
CA HIS B 183 22.37 23.59 -10.89
C HIS B 183 21.22 24.32 -11.58
N THR B 184 20.62 23.64 -12.57
CA THR B 184 19.46 24.15 -13.27
C THR B 184 18.24 23.24 -13.12
N GLY B 185 18.30 22.26 -12.22
CA GLY B 185 17.18 21.37 -11.97
C GLY B 185 17.13 20.99 -10.51
N ASP B 186 16.06 20.31 -10.12
CA ASP B 186 15.87 19.94 -8.73
C ASP B 186 17.01 19.04 -8.26
N VAL B 187 17.56 19.37 -7.11
CA VAL B 187 18.64 18.58 -6.52
C VAL B 187 18.03 17.51 -5.62
N MET B 188 18.43 16.26 -5.85
CA MET B 188 17.81 15.12 -5.16
C MET B 188 18.71 14.43 -4.16
N SER B 189 20.03 14.65 -4.20
CA SER B 189 20.92 13.94 -3.30
C SER B 189 22.22 14.72 -3.15
N LEU B 190 22.93 14.43 -2.06
CA LEU B 190 24.25 14.97 -1.83
C LEU B 190 25.05 13.98 -0.98
N SER B 191 26.37 14.08 -1.07
CA SER B 191 27.26 13.20 -0.33
C SER B 191 28.49 13.97 0.11
N LEU B 192 28.80 13.91 1.40
CA LEU B 192 29.98 14.58 1.93
C LEU B 192 31.21 13.70 1.80
N ALA B 193 32.37 14.33 1.70
CA ALA B 193 33.64 13.63 1.72
C ALA B 193 34.00 13.26 3.15
N PRO B 194 34.85 12.24 3.34
CA PRO B 194 35.23 11.85 4.71
C PRO B 194 35.90 12.98 5.50
N ASP B 195 36.67 13.84 4.84
CA ASP B 195 37.30 14.96 5.52
C ASP B 195 36.39 16.16 5.64
N THR B 196 35.18 16.10 5.08
CA THR B 196 34.19 17.18 5.16
C THR B 196 34.74 18.50 4.62
N ARG B 197 35.51 18.42 3.54
CA ARG B 197 35.99 19.60 2.84
C ARG B 197 35.38 19.74 1.45
N LEU B 198 34.70 18.71 0.96
CA LEU B 198 34.05 18.74 -0.35
C LEU B 198 32.75 17.95 -0.25
N PHE B 199 31.86 18.18 -1.22
CA PHE B 199 30.66 17.37 -1.33
C PHE B 199 30.15 17.44 -2.75
N VAL B 200 29.49 16.37 -3.18
CA VAL B 200 28.94 16.26 -4.52
C VAL B 200 27.42 16.21 -4.42
N SER B 201 26.76 16.66 -5.49
CA SER B 201 25.30 16.64 -5.56
C SER B 201 24.87 16.24 -6.96
N GLY B 202 23.70 15.61 -7.04
CA GLY B 202 23.15 15.21 -8.32
C GLY B 202 21.74 15.74 -8.49
N ALA B 203 21.47 16.35 -9.65
CA ALA B 203 20.22 17.05 -9.87
C ALA B 203 19.44 16.41 -11.02
N CYS B 204 18.31 17.03 -11.33
CA CYS B 204 17.42 16.57 -12.38
C CYS B 204 17.90 16.94 -13.78
N ASP B 205 18.98 17.71 -13.88
CA ASP B 205 19.57 18.05 -15.16
C ASP B 205 20.56 17.00 -15.67
N ALA B 206 20.53 15.79 -15.08
CA ALA B 206 21.38 14.68 -15.49
C ALA B 206 22.87 15.03 -15.39
N SER B 207 23.22 15.81 -14.38
CA SER B 207 24.61 16.20 -14.17
C SER B 207 24.90 16.25 -12.67
N ALA B 208 26.17 16.07 -12.33
CA ALA B 208 26.63 16.14 -10.95
C ALA B 208 27.75 17.17 -10.85
N LYS B 209 27.81 17.84 -9.70
CA LYS B 209 28.77 18.90 -9.47
C LYS B 209 29.51 18.66 -8.16
N LEU B 210 30.73 19.18 -8.10
CA LEU B 210 31.58 19.07 -6.91
C LEU B 210 31.77 20.47 -6.33
N TRP B 211 31.44 20.64 -5.06
CA TRP B 211 31.46 21.95 -4.42
C TRP B 211 32.51 21.99 -3.32
N ASP B 212 33.04 23.18 -3.06
CA ASP B 212 33.92 23.43 -1.93
C ASP B 212 33.12 24.10 -0.82
N VAL B 213 33.17 23.52 0.38
CA VAL B 213 32.35 24.00 1.49
C VAL B 213 32.79 25.39 1.92
N ARG B 214 34.10 25.61 2.05
CA ARG B 214 34.60 26.89 2.56
C ARG B 214 34.36 28.02 1.57
N GLU B 215 34.70 27.82 0.30
CA GLU B 215 34.59 28.89 -0.68
C GLU B 215 33.14 29.12 -1.08
N GLY B 216 32.48 28.10 -1.62
CA GLY B 216 31.15 28.23 -2.15
C GLY B 216 31.06 28.25 -3.66
N MET B 217 31.95 27.54 -4.34
CA MET B 217 32.04 27.56 -5.79
C MET B 217 32.07 26.14 -6.33
N CYS B 218 31.54 25.97 -7.53
CA CYS B 218 31.62 24.69 -8.23
C CYS B 218 33.00 24.55 -8.85
N ARG B 219 33.62 23.38 -8.63
CA ARG B 219 34.95 23.11 -9.18
C ARG B 219 34.89 22.30 -10.47
N GLN B 220 34.17 21.18 -10.47
CA GLN B 220 34.09 20.31 -11.64
C GLN B 220 32.63 19.94 -11.89
N THR B 221 32.31 19.66 -13.14
CA THR B 221 30.98 19.25 -13.55
C THR B 221 31.08 17.94 -14.31
N PHE B 222 30.26 16.97 -13.94
CA PHE B 222 30.28 15.64 -14.53
C PHE B 222 28.96 15.36 -15.22
N THR B 223 29.02 14.92 -16.47
CA THR B 223 27.85 14.54 -17.25
C THR B 223 28.06 13.13 -17.79
N GLY B 224 27.03 12.62 -18.48
CA GLY B 224 27.10 11.29 -19.03
C GLY B 224 25.80 10.52 -18.89
N HIS B 225 25.00 10.89 -17.91
CA HIS B 225 23.72 10.23 -17.70
C HIS B 225 22.69 10.75 -18.71
N GLU B 226 21.56 10.05 -18.79
CA GLU B 226 20.51 10.38 -19.74
C GLU B 226 19.22 10.85 -19.09
N SER B 227 19.07 10.72 -17.78
CA SER B 227 17.82 11.05 -17.14
C SER B 227 18.10 11.57 -15.73
N ASP B 228 17.07 11.53 -14.88
CA ASP B 228 17.16 12.05 -13.53
C ASP B 228 18.22 11.31 -12.73
N ILE B 229 18.93 12.04 -11.87
CA ILE B 229 19.86 11.45 -10.92
C ILE B 229 19.16 11.40 -9.56
N ASN B 230 18.95 10.20 -9.05
CA ASN B 230 18.18 10.00 -7.83
C ASN B 230 19.04 9.77 -6.59
N ALA B 231 20.27 9.29 -6.76
CA ALA B 231 21.13 9.01 -5.62
C ALA B 231 22.57 9.19 -6.03
N ILE B 232 23.41 9.44 -5.02
CA ILE B 232 24.84 9.65 -5.22
C ILE B 232 25.56 9.19 -3.96
N CYS B 233 26.70 8.53 -4.15
CA CYS B 233 27.53 8.07 -3.05
C CYS B 233 28.98 8.34 -3.41
N PHE B 234 29.82 8.41 -2.38
CA PHE B 234 31.16 8.93 -2.54
C PHE B 234 32.14 7.84 -2.10
N PHE B 235 33.17 7.61 -2.90
CA PHE B 235 34.05 6.46 -2.70
C PHE B 235 34.77 6.57 -1.35
N PRO B 236 34.98 5.45 -0.64
CA PRO B 236 35.62 5.54 0.69
C PRO B 236 37.01 6.14 0.65
N ASN B 237 37.76 5.94 -0.44
CA ASN B 237 39.08 6.56 -0.55
C ASN B 237 38.97 8.08 -0.55
N GLY B 238 37.99 8.61 -1.28
CA GLY B 238 37.80 10.05 -1.39
C GLY B 238 38.11 10.64 -2.74
N ASN B 239 38.45 9.82 -3.74
CA ASN B 239 38.80 10.32 -5.06
C ASN B 239 37.84 9.85 -6.15
N ALA B 240 36.67 9.34 -5.78
CA ALA B 240 35.69 8.88 -6.77
C ALA B 240 34.31 8.92 -6.13
N PHE B 241 33.30 8.81 -6.98
CA PHE B 241 31.92 8.74 -6.49
C PHE B 241 31.06 8.03 -7.53
N ALA B 242 29.99 7.40 -7.05
CA ALA B 242 29.08 6.64 -7.88
C ALA B 242 27.72 7.31 -7.94
N THR B 243 27.08 7.23 -9.09
CA THR B 243 25.82 7.90 -9.35
C THR B 243 24.80 6.91 -9.88
N GLY B 244 23.57 6.98 -9.37
CA GLY B 244 22.50 6.14 -9.86
C GLY B 244 21.36 6.95 -10.43
N SER B 245 20.90 6.61 -11.63
CA SER B 245 19.95 7.43 -12.35
C SER B 245 18.67 6.65 -12.66
N ASP B 246 17.77 7.29 -13.41
CA ASP B 246 16.50 6.68 -13.79
C ASP B 246 16.58 5.86 -15.06
N ASP B 247 17.69 5.91 -15.78
CA ASP B 247 17.87 5.13 -16.99
C ASP B 247 18.42 3.73 -16.72
N ALA B 248 18.22 3.23 -15.50
CA ALA B 248 18.59 1.87 -15.11
C ALA B 248 20.09 1.62 -15.19
N THR B 249 20.89 2.67 -14.96
CA THR B 249 22.34 2.56 -15.00
C THR B 249 22.97 3.20 -13.78
N CYS B 250 24.15 2.71 -13.41
CA CYS B 250 25.00 3.34 -12.41
C CYS B 250 26.36 3.60 -13.03
N ARG B 251 26.97 4.73 -12.64
CA ARG B 251 28.24 5.13 -13.21
C ARG B 251 29.21 5.53 -12.11
N LEU B 252 30.50 5.37 -12.39
CA LEU B 252 31.58 5.75 -11.49
C LEU B 252 32.40 6.84 -12.14
N PHE B 253 32.65 7.91 -11.39
CA PHE B 253 33.44 9.04 -11.87
C PHE B 253 34.68 9.21 -11.00
N ASP B 254 35.75 9.68 -11.61
CA ASP B 254 37.00 9.96 -10.92
C ASP B 254 37.20 11.46 -10.82
N LEU B 255 37.52 11.94 -9.62
CA LEU B 255 37.71 13.37 -9.44
C LEU B 255 39.00 13.86 -10.08
N ARG B 256 40.09 13.11 -9.93
CA ARG B 256 41.38 13.57 -10.42
C ARG B 256 41.48 13.46 -11.94
N ALA B 257 40.94 12.38 -12.52
CA ALA B 257 40.89 12.27 -13.98
C ALA B 257 39.79 13.13 -14.58
N ASP B 258 38.73 13.41 -13.83
CA ASP B 258 37.64 14.31 -14.22
C ASP B 258 36.98 13.78 -15.50
N GLN B 259 36.44 12.57 -15.39
CA GLN B 259 35.65 11.96 -16.46
C GLN B 259 35.04 10.67 -15.94
N GLU B 260 34.05 10.16 -16.68
CA GLU B 260 33.45 8.88 -16.34
C GLU B 260 34.45 7.76 -16.51
N LEU B 261 34.45 6.81 -15.58
CA LEU B 261 35.35 5.66 -15.63
C LEU B 261 34.66 4.39 -16.12
N MET B 262 33.52 4.03 -15.52
CA MET B 262 32.96 2.72 -15.79
C MET B 262 31.48 2.73 -15.43
N THR B 263 30.70 1.98 -16.20
CA THR B 263 29.24 1.95 -16.07
C THR B 263 28.77 0.57 -15.65
N TYR B 264 27.65 0.54 -14.92
CA TYR B 264 27.06 -0.69 -14.40
C TYR B 264 25.62 -0.77 -14.90
N SER B 265 25.37 -1.67 -15.86
CA SER B 265 24.04 -1.84 -16.41
C SER B 265 23.86 -3.27 -16.88
N HIS B 266 22.59 -3.68 -16.99
CA HIS B 266 22.24 -5.00 -17.45
C HIS B 266 21.02 -4.90 -18.36
N ASP B 267 20.90 -5.83 -19.30
CA ASP B 267 19.83 -5.77 -20.29
C ASP B 267 18.45 -6.01 -19.66
N ASN B 268 18.37 -6.86 -18.64
CA ASN B 268 17.08 -7.16 -18.04
C ASN B 268 16.56 -5.98 -17.23
N ILE B 269 17.45 -5.15 -16.72
CA ILE B 269 17.06 -4.05 -15.85
C ILE B 269 16.54 -2.89 -16.69
N ILE B 270 15.34 -2.42 -16.37
CA ILE B 270 14.73 -1.30 -17.09
C ILE B 270 14.21 -0.27 -16.11
N CYS B 271 14.26 -0.59 -14.82
CA CYS B 271 13.76 0.30 -13.78
C CYS B 271 14.88 1.15 -13.20
N GLY B 272 14.49 2.28 -12.60
CA GLY B 272 15.45 3.23 -12.09
C GLY B 272 16.03 2.85 -10.74
N ILE B 273 17.16 3.48 -10.42
CA ILE B 273 17.87 3.26 -9.16
C ILE B 273 17.45 4.32 -8.17
N THR B 274 17.10 3.91 -6.96
CA THR B 274 16.66 4.82 -5.91
C THR B 274 17.74 5.15 -4.90
N SER B 275 18.74 4.28 -4.72
CA SER B 275 19.78 4.52 -3.73
C SER B 275 21.00 3.66 -4.06
N VAL B 276 22.18 4.19 -3.72
CA VAL B 276 23.44 3.50 -3.93
C VAL B 276 24.30 3.65 -2.68
N SER B 277 25.24 2.73 -2.52
CA SER B 277 26.18 2.77 -1.39
C SER B 277 27.37 1.88 -1.69
N PHE B 278 28.47 2.14 -0.99
CA PHE B 278 29.71 1.41 -1.14
C PHE B 278 29.98 0.57 0.12
N SER B 279 30.79 -0.46 -0.06
CA SER B 279 31.22 -1.27 1.08
C SER B 279 32.42 -0.61 1.75
N LYS B 280 32.87 -1.20 2.86
CA LYS B 280 33.95 -0.58 3.64
C LYS B 280 35.23 -0.50 2.82
N SER B 281 35.58 -1.56 2.10
CA SER B 281 36.77 -1.55 1.26
C SER B 281 36.53 -0.95 -0.12
N GLY B 282 35.28 -0.68 -0.48
CA GLY B 282 34.97 -0.12 -1.77
C GLY B 282 34.87 -1.10 -2.91
N ARG B 283 34.98 -2.41 -2.62
CA ARG B 283 34.91 -3.41 -3.69
C ARG B 283 33.49 -3.66 -4.16
N LEU B 284 32.51 -3.56 -3.28
CA LEU B 284 31.12 -3.85 -3.60
C LEU B 284 30.32 -2.56 -3.70
N LEU B 285 29.52 -2.44 -4.74
CA LEU B 285 28.63 -1.30 -4.94
C LEU B 285 27.20 -1.78 -4.87
N LEU B 286 26.52 -1.45 -3.78
CA LEU B 286 25.14 -1.88 -3.54
C LEU B 286 24.18 -0.80 -4.01
N ALA B 287 23.20 -1.20 -4.82
CA ALA B 287 22.24 -0.26 -5.39
C ALA B 287 20.82 -0.81 -5.24
N GLY B 288 19.91 0.07 -4.83
CA GLY B 288 18.49 -0.28 -4.71
C GLY B 288 17.75 0.08 -5.99
N TYR B 289 16.79 -0.76 -6.36
CA TYR B 289 16.10 -0.63 -7.62
C TYR B 289 14.59 -0.49 -7.40
N ASP B 290 13.90 -0.19 -8.49
CA ASP B 290 12.44 -0.05 -8.47
C ASP B 290 11.72 -1.39 -8.59
N ASP B 291 12.43 -2.45 -9.01
CA ASP B 291 11.83 -3.76 -9.20
C ASP B 291 11.79 -4.58 -7.92
N PHE B 292 11.81 -3.92 -6.76
CA PHE B 292 11.56 -4.46 -5.42
C PHE B 292 12.75 -5.19 -4.81
N ASN B 293 13.93 -5.18 -5.42
CA ASN B 293 15.06 -5.85 -4.80
C ASN B 293 16.34 -5.08 -5.08
N CYS B 294 17.35 -5.35 -4.26
CA CYS B 294 18.65 -4.70 -4.32
C CYS B 294 19.65 -5.59 -5.04
N ASN B 295 20.63 -4.96 -5.69
CA ASN B 295 21.65 -5.65 -6.46
C ASN B 295 23.03 -5.28 -5.95
N VAL B 296 23.90 -6.28 -5.84
CA VAL B 296 25.29 -6.08 -5.45
C VAL B 296 26.16 -6.17 -6.70
N TRP B 297 26.95 -5.14 -6.94
CA TRP B 297 27.83 -5.08 -8.10
C TRP B 297 29.28 -5.18 -7.67
N ASP B 298 30.11 -5.71 -8.56
CA ASP B 298 31.55 -5.67 -8.39
C ASP B 298 32.06 -4.35 -8.94
N ALA B 299 32.61 -3.51 -8.07
CA ALA B 299 32.98 -2.15 -8.46
C ALA B 299 34.12 -2.10 -9.46
N LEU B 300 34.82 -3.20 -9.69
CA LEU B 300 35.94 -3.23 -10.61
C LEU B 300 35.67 -3.98 -11.91
N LYS B 301 34.63 -4.82 -11.96
CA LYS B 301 34.38 -5.63 -13.14
C LYS B 301 32.95 -5.56 -13.66
N ALA B 302 32.06 -4.83 -12.98
CA ALA B 302 30.66 -4.68 -13.39
C ALA B 302 29.97 -6.03 -13.54
N ASP B 303 30.16 -6.90 -12.55
CA ASP B 303 29.53 -8.21 -12.53
C ASP B 303 28.58 -8.29 -11.34
N ARG B 304 27.35 -8.70 -11.59
CA ARG B 304 26.38 -8.88 -10.52
C ARG B 304 26.82 -10.02 -9.62
N ALA B 305 27.27 -9.69 -8.41
CA ALA B 305 27.80 -10.67 -7.48
C ALA B 305 26.78 -11.11 -6.45
N GLY B 306 25.53 -10.67 -6.56
CA GLY B 306 24.50 -11.06 -5.61
C GLY B 306 23.21 -10.29 -5.77
N VAL B 307 22.16 -10.76 -5.12
CA VAL B 307 20.84 -10.12 -5.17
C VAL B 307 20.24 -10.16 -3.77
N LEU B 308 19.69 -9.04 -3.33
CA LEU B 308 19.00 -8.92 -2.04
C LEU B 308 17.52 -8.75 -2.34
N ALA B 309 16.76 -9.83 -2.22
CA ALA B 309 15.34 -9.84 -2.58
C ALA B 309 14.52 -10.29 -1.38
N GLY B 310 13.97 -9.32 -0.65
CA GLY B 310 13.10 -9.63 0.47
C GLY B 310 11.96 -8.65 0.66
N HIS B 311 11.79 -7.74 -0.29
CA HIS B 311 10.83 -6.65 -0.16
C HIS B 311 9.71 -6.80 -1.18
N ASP B 312 8.49 -6.45 -0.76
CA ASP B 312 7.31 -6.55 -1.61
C ASP B 312 7.03 -5.30 -2.42
N ASN B 313 7.73 -4.20 -2.15
CA ASN B 313 7.51 -2.95 -2.85
C ASN B 313 8.86 -2.33 -3.18
N ARG B 314 8.84 -1.08 -3.62
CA ARG B 314 10.05 -0.39 -4.04
C ARG B 314 11.01 -0.19 -2.87
N VAL B 315 12.29 -0.43 -3.13
CA VAL B 315 13.34 -0.16 -2.16
C VAL B 315 13.75 1.30 -2.30
N SER B 316 13.53 2.08 -1.24
CA SER B 316 13.73 3.53 -1.31
C SER B 316 15.02 4.01 -0.68
N CYS B 317 15.67 3.19 0.14
CA CYS B 317 16.84 3.64 0.88
C CYS B 317 17.64 2.44 1.35
N LEU B 318 18.96 2.61 1.43
CA LEU B 318 19.84 1.60 1.97
C LEU B 318 21.13 2.26 2.44
N GLY B 319 21.81 1.62 3.38
CA GLY B 319 23.02 2.17 3.93
C GLY B 319 23.88 1.10 4.58
N VAL B 320 25.19 1.32 4.55
CA VAL B 320 26.18 0.39 5.09
C VAL B 320 26.85 1.04 6.29
N THR B 321 27.05 0.26 7.35
CA THR B 321 27.65 0.77 8.57
C THR B 321 29.09 1.21 8.34
N ASP B 322 29.61 1.98 9.29
CA ASP B 322 30.97 2.49 9.16
C ASP B 322 32.00 1.36 9.21
N ASP B 323 31.75 0.35 10.05
CA ASP B 323 32.65 -0.79 10.15
C ASP B 323 32.37 -1.86 9.11
N GLY B 324 31.36 -1.68 8.27
CA GLY B 324 31.11 -2.61 7.18
C GLY B 324 30.49 -3.92 7.60
N MET B 325 29.95 -4.00 8.82
CA MET B 325 29.44 -5.27 9.32
C MET B 325 28.13 -5.66 8.66
N ALA B 326 27.23 -4.71 8.46
CA ALA B 326 25.90 -5.03 7.97
C ALA B 326 25.41 -3.93 7.04
N VAL B 327 24.38 -4.25 6.26
CA VAL B 327 23.71 -3.31 5.37
C VAL B 327 22.22 -3.39 5.64
N ALA B 328 21.57 -2.23 5.76
CA ALA B 328 20.15 -2.14 6.04
C ALA B 328 19.43 -1.54 4.83
N THR B 329 18.23 -2.04 4.55
CA THR B 329 17.43 -1.56 3.43
C THR B 329 16.03 -1.22 3.91
N GLY B 330 15.50 -0.10 3.41
CA GLY B 330 14.14 0.29 3.68
C GLY B 330 13.29 0.26 2.43
N SER B 331 11.98 0.13 2.58
CA SER B 331 11.12 -0.07 1.41
C SER B 331 9.74 0.51 1.66
N TRP B 332 8.98 0.68 0.58
CA TRP B 332 7.65 1.26 0.63
C TRP B 332 6.63 0.36 1.29
N ASP B 333 6.97 -0.90 1.58
CA ASP B 333 6.07 -1.80 2.31
C ASP B 333 6.19 -1.64 3.82
N SER B 334 6.89 -0.59 4.28
CA SER B 334 6.93 -0.20 5.69
C SER B 334 7.73 -1.17 6.55
N PHE B 335 8.80 -1.72 6.00
CA PHE B 335 9.65 -2.64 6.75
C PHE B 335 11.11 -2.31 6.54
N LEU B 336 11.91 -2.56 7.57
CA LEU B 336 13.36 -2.45 7.50
C LEU B 336 13.97 -3.82 7.71
N LYS B 337 14.89 -4.20 6.83
CA LYS B 337 15.57 -5.49 6.91
C LYS B 337 17.07 -5.26 6.99
N ILE B 338 17.73 -5.99 7.89
CA ILE B 338 19.17 -5.89 8.09
C ILE B 338 19.81 -7.16 7.57
N TRP B 339 20.73 -7.02 6.62
CA TRP B 339 21.42 -8.12 5.99
C TRP B 339 22.86 -8.21 6.50
N ASN B 340 23.47 -9.37 6.28
CA ASN B 340 24.82 -9.61 6.73
C ASN B 340 25.42 -10.81 6.01
N THR C 6 18.87 42.70 -19.87
CA THR C 6 19.90 43.44 -19.16
C THR C 6 20.72 42.52 -18.26
N ALA C 7 20.03 41.64 -17.53
CA ALA C 7 20.70 40.65 -16.70
C ALA C 7 21.11 39.40 -17.48
N SER C 8 20.61 39.24 -18.72
CA SER C 8 21.00 38.10 -19.52
C SER C 8 22.50 38.11 -19.81
N ILE C 9 23.04 39.28 -20.14
CA ILE C 9 24.48 39.37 -20.38
C ILE C 9 25.25 39.11 -19.09
N ALA C 10 24.72 39.52 -17.94
CA ALA C 10 25.38 39.24 -16.67
C ALA C 10 25.43 37.74 -16.39
N GLN C 11 24.32 37.04 -16.62
CA GLN C 11 24.31 35.60 -16.41
C GLN C 11 25.22 34.89 -17.41
N ALA C 12 25.25 35.38 -18.65
CA ALA C 12 26.17 34.83 -19.65
C ALA C 12 27.62 35.01 -19.22
N ARG C 13 27.95 36.19 -18.68
CA ARG C 13 29.29 36.42 -18.16
C ARG C 13 29.60 35.49 -16.99
N LYS C 14 28.60 35.24 -16.13
CA LYS C 14 28.81 34.30 -15.03
C LYS C 14 29.11 32.89 -15.54
N LEU C 15 28.36 32.45 -16.55
CA LEU C 15 28.62 31.12 -17.12
C LEU C 15 29.99 31.06 -17.78
N VAL C 16 30.38 32.12 -18.49
CA VAL C 16 31.70 32.17 -19.11
C VAL C 16 32.79 32.11 -18.04
N GLU C 17 32.60 32.84 -16.94
CA GLU C 17 33.53 32.78 -15.82
C GLU C 17 33.65 31.37 -15.27
N GLN C 18 32.51 30.70 -15.08
CA GLN C 18 32.52 29.34 -14.54
C GLN C 18 33.29 28.39 -15.46
N LEU C 19 32.99 28.42 -16.76
CA LEU C 19 33.70 27.55 -17.70
C LEU C 19 35.18 27.94 -17.81
N LYS C 20 35.50 29.22 -17.59
CA LYS C 20 36.90 29.64 -17.65
C LYS C 20 37.70 29.04 -16.50
N MET C 21 37.20 29.17 -15.27
CA MET C 21 37.94 28.67 -14.12
C MET C 21 37.45 27.30 -13.65
N GLU C 22 36.84 26.52 -14.55
CA GLU C 22 36.74 25.08 -14.35
C GLU C 22 37.43 24.29 -15.44
N ALA C 23 37.96 24.95 -16.48
CA ALA C 23 38.66 24.27 -17.57
C ALA C 23 40.17 24.28 -17.41
N ASN C 24 40.69 24.83 -16.32
CA ASN C 24 42.14 24.90 -16.07
C ASN C 24 42.44 24.16 -14.77
N ILE C 25 42.62 22.84 -14.87
CA ILE C 25 42.96 22.00 -13.74
C ILE C 25 43.97 20.95 -14.22
N ASP C 26 44.55 20.25 -13.26
CA ASP C 26 45.52 19.19 -13.54
C ASP C 26 44.75 17.87 -13.67
N ARG C 27 44.75 17.30 -14.88
CA ARG C 27 44.02 16.07 -15.17
C ARG C 27 45.02 14.95 -15.40
N ILE C 28 44.96 13.94 -14.52
CA ILE C 28 45.84 12.77 -14.63
C ILE C 28 45.28 11.82 -15.68
N LYS C 29 46.07 10.83 -16.06
CA LYS C 29 45.59 9.79 -16.97
C LYS C 29 44.64 8.84 -16.26
N VAL C 30 43.80 8.18 -17.05
CA VAL C 30 42.83 7.24 -16.50
C VAL C 30 43.53 6.03 -15.89
N SER C 31 44.65 5.60 -16.47
CA SER C 31 45.34 4.42 -15.98
C SER C 31 45.83 4.61 -14.54
N LYS C 32 46.35 5.80 -14.22
CA LYS C 32 46.83 6.05 -12.86
C LYS C 32 45.68 6.01 -11.86
N ALA C 33 44.54 6.61 -12.19
CA ALA C 33 43.40 6.58 -11.29
C ALA C 33 42.88 5.16 -11.10
N ALA C 34 42.82 4.39 -12.18
CA ALA C 34 42.39 3.00 -12.07
C ALA C 34 43.34 2.19 -11.20
N ALA C 35 44.65 2.41 -11.37
CA ALA C 35 45.62 1.71 -10.54
C ALA C 35 45.48 2.09 -9.07
N ASP C 36 45.25 3.37 -8.79
CA ASP C 36 45.06 3.80 -7.41
C ASP C 36 43.81 3.16 -6.79
N LEU C 37 42.72 3.12 -7.55
CA LEU C 37 41.51 2.48 -7.05
C LEU C 37 41.74 1.00 -6.78
N MET C 38 42.41 0.31 -7.69
CA MET C 38 42.69 -1.11 -7.50
C MET C 38 43.58 -1.34 -6.29
N ALA C 39 44.60 -0.49 -6.10
CA ALA C 39 45.49 -0.63 -4.96
C ALA C 39 44.75 -0.41 -3.65
N TYR C 40 43.87 0.60 -3.60
CA TYR C 40 43.10 0.82 -2.38
C TYR C 40 42.16 -0.36 -2.11
N CYS C 41 41.52 -0.89 -3.16
CA CYS C 41 40.61 -2.01 -2.97
C CYS C 41 41.34 -3.24 -2.46
N GLU C 42 42.55 -3.50 -2.99
CA GLU C 42 43.29 -4.69 -2.58
C GLU C 42 44.04 -4.48 -1.26
N ALA C 43 44.22 -3.24 -0.81
CA ALA C 43 44.90 -2.99 0.45
C ALA C 43 44.00 -3.28 1.65
N HIS C 44 42.70 -3.01 1.55
CA HIS C 44 41.76 -3.23 2.63
C HIS C 44 40.87 -4.45 2.40
N ALA C 45 41.33 -5.39 1.57
CA ALA C 45 40.52 -6.57 1.27
C ALA C 45 40.26 -7.40 2.52
N LYS C 46 41.28 -7.57 3.36
CA LYS C 46 41.13 -8.38 4.56
C LYS C 46 40.26 -7.70 5.62
N GLU C 47 40.10 -6.38 5.54
CA GLU C 47 39.35 -5.64 6.54
C GLU C 47 37.86 -5.54 6.23
N ASP C 48 37.42 -5.97 5.04
CA ASP C 48 36.02 -5.86 4.66
C ASP C 48 35.23 -7.04 5.21
N PRO C 49 34.26 -6.83 6.10
CA PRO C 49 33.51 -7.97 6.66
C PRO C 49 32.44 -8.52 5.74
N LEU C 50 32.18 -7.89 4.59
CA LEU C 50 31.19 -8.40 3.64
C LEU C 50 31.80 -9.10 2.45
N LEU C 51 33.02 -8.73 2.06
CA LEU C 51 33.71 -9.44 0.99
C LEU C 51 33.97 -10.89 1.38
N THR C 52 34.43 -11.11 2.61
CA THR C 52 34.71 -12.43 3.12
C THR C 52 33.74 -12.77 4.25
N PRO C 53 33.22 -14.00 4.28
CA PRO C 53 32.31 -14.38 5.37
C PRO C 53 33.02 -14.27 6.71
N VAL C 54 32.28 -13.82 7.71
CA VAL C 54 32.82 -13.61 9.06
C VAL C 54 32.40 -14.77 9.95
N PRO C 55 33.29 -15.28 10.80
CA PRO C 55 32.89 -16.32 11.75
C PRO C 55 31.81 -15.82 12.70
N ALA C 56 30.92 -16.73 13.08
CA ALA C 56 29.79 -16.37 13.93
C ALA C 56 30.22 -15.95 15.33
N SER C 57 31.48 -16.18 15.71
CA SER C 57 31.95 -15.74 17.03
C SER C 57 31.91 -14.22 17.14
N GLU C 58 32.34 -13.52 16.10
CA GLU C 58 32.40 -12.06 16.11
C GLU C 58 31.38 -11.42 15.18
N ASN C 59 30.20 -12.05 15.06
CA ASN C 59 29.10 -11.48 14.29
C ASN C 59 28.03 -10.99 15.25
N PRO C 60 27.84 -9.69 15.40
CA PRO C 60 26.84 -9.19 16.36
C PRO C 60 25.40 -9.48 15.96
N PHE C 61 25.15 -9.85 14.71
CA PHE C 61 23.80 -10.01 14.18
C PHE C 61 23.40 -11.47 14.07
N ARG C 62 23.83 -12.30 15.02
CA ARG C 62 23.45 -13.71 15.04
C ARG C 62 21.97 -13.87 15.38
N LEU D 11 -39.49 -52.02 18.20
CA LEU D 11 -39.60 -52.25 19.64
C LEU D 11 -39.78 -50.93 20.39
N GLU D 12 -38.78 -50.56 21.18
CA GLU D 12 -38.84 -49.34 21.98
C GLU D 12 -37.49 -48.63 21.92
N ILE D 13 -37.53 -47.31 22.07
CA ILE D 13 -36.33 -46.47 22.08
C ILE D 13 -36.43 -45.58 23.30
N ASP D 14 -35.83 -46.03 24.40
CA ASP D 14 -35.85 -45.29 25.68
C ASP D 14 -37.27 -44.92 26.07
N LYS D 15 -38.12 -45.95 26.20
CA LYS D 15 -39.55 -45.77 26.48
C LYS D 15 -40.19 -44.94 25.38
N LYS D 16 -41.18 -44.12 25.74
CA LYS D 16 -41.80 -43.16 24.82
C LYS D 16 -42.20 -43.84 23.50
N ASN D 17 -43.20 -44.72 23.60
CA ASN D 17 -43.57 -45.60 22.50
C ASN D 17 -43.76 -44.84 21.20
N CYS D 18 -42.86 -45.06 20.25
CA CYS D 18 -42.85 -44.35 18.98
C CYS D 18 -42.17 -45.24 17.96
N CYS D 19 -42.81 -45.42 16.81
CA CYS D 19 -42.32 -46.36 15.81
C CYS D 19 -41.28 -45.71 14.89
N VAL D 20 -40.31 -46.52 14.47
CA VAL D 20 -39.31 -46.12 13.48
C VAL D 20 -39.53 -46.96 12.23
N PHE D 21 -39.18 -46.38 11.08
CA PHE D 21 -39.43 -47.01 9.79
C PHE D 21 -38.15 -47.18 9.01
N ARG D 22 -38.08 -48.28 8.26
CA ARG D 22 -37.00 -48.55 7.32
C ARG D 22 -37.60 -48.75 5.94
N ASP D 23 -37.02 -48.11 4.94
CA ASP D 23 -37.52 -48.17 3.57
C ASP D 23 -36.42 -48.59 2.61
N ASP D 24 -36.78 -49.45 1.66
CA ASP D 24 -35.86 -49.87 0.61
C ASP D 24 -35.80 -48.88 -0.55
N PHE D 25 -36.68 -47.88 -0.56
CA PHE D 25 -36.70 -46.92 -1.66
C PHE D 25 -35.47 -46.02 -1.65
N ILE D 26 -34.86 -45.83 -0.47
CA ILE D 26 -33.71 -44.94 -0.36
C ILE D 26 -32.55 -45.43 -1.21
N ALA D 27 -32.25 -46.73 -1.14
CA ALA D 27 -31.13 -47.28 -1.89
C ALA D 27 -31.31 -47.16 -3.39
N LYS D 28 -32.56 -47.03 -3.86
CA LYS D 28 -32.80 -46.92 -5.29
C LYS D 28 -32.40 -45.55 -5.83
N VAL D 29 -32.66 -44.49 -5.08
CA VAL D 29 -32.56 -43.13 -5.57
C VAL D 29 -31.38 -42.39 -4.96
N LEU D 30 -31.28 -42.37 -3.63
CA LEU D 30 -30.36 -41.44 -2.96
C LEU D 30 -28.88 -41.67 -3.30
N PRO D 31 -28.32 -42.88 -3.18
CA PRO D 31 -26.85 -43.03 -3.16
C PRO D 31 -26.14 -42.37 -4.33
N PRO D 32 -26.65 -42.50 -5.59
CA PRO D 32 -25.92 -41.86 -6.70
C PRO D 32 -25.90 -40.33 -6.61
N VAL D 33 -27.07 -39.73 -6.36
CA VAL D 33 -27.14 -38.28 -6.24
C VAL D 33 -26.30 -37.79 -5.07
N LEU D 34 -26.36 -38.51 -3.95
CA LEU D 34 -25.58 -38.13 -2.78
C LEU D 34 -24.08 -38.24 -3.04
N GLY D 35 -23.66 -39.26 -3.77
CA GLY D 35 -22.25 -39.38 -4.12
C GLY D 35 -21.79 -38.27 -5.05
N LEU D 36 -22.63 -37.91 -6.03
CA LEU D 36 -22.30 -36.80 -6.91
C LEU D 36 -22.18 -35.50 -6.11
N GLU D 37 -23.10 -35.26 -5.19
CA GLU D 37 -23.04 -34.07 -4.34
C GLU D 37 -21.77 -34.07 -3.50
N PHE D 38 -21.42 -35.23 -2.94
CA PHE D 38 -20.20 -35.32 -2.14
C PHE D 38 -18.96 -35.01 -2.97
N ILE D 39 -18.89 -35.57 -4.18
CA ILE D 39 -17.71 -35.33 -5.02
C ILE D 39 -17.60 -33.86 -5.37
N PHE D 40 -18.71 -33.25 -5.78
CA PHE D 40 -18.68 -31.84 -6.14
C PHE D 40 -18.28 -30.96 -4.95
N GLY D 41 -18.88 -31.23 -3.78
CA GLY D 41 -18.54 -30.45 -2.60
C GLY D 41 -17.10 -30.62 -2.17
N LEU D 42 -16.60 -31.85 -2.23
CA LEU D 42 -15.20 -32.10 -1.85
C LEU D 42 -14.25 -31.38 -2.79
N LEU D 43 -14.52 -31.44 -4.09
CA LEU D 43 -13.66 -30.75 -5.05
C LEU D 43 -13.66 -29.25 -4.79
N GLY D 44 -14.86 -28.66 -4.66
CA GLY D 44 -14.93 -27.22 -4.44
C GLY D 44 -14.26 -26.79 -3.16
N ASN D 45 -14.55 -27.49 -2.05
CA ASN D 45 -13.97 -27.12 -0.77
C ASN D 45 -12.46 -27.29 -0.76
N GLY D 46 -11.95 -28.40 -1.33
CA GLY D 46 -10.52 -28.60 -1.35
C GLY D 46 -9.80 -27.55 -2.17
N LEU D 47 -10.34 -27.22 -3.35
CA LEU D 47 -9.69 -26.21 -4.18
C LEU D 47 -9.75 -24.83 -3.52
N ALA D 48 -10.88 -24.50 -2.88
CA ALA D 48 -10.99 -23.22 -2.20
C ALA D 48 -10.01 -23.13 -1.03
N LEU D 49 -9.89 -24.19 -0.24
CA LEU D 49 -8.92 -24.21 0.86
C LEU D 49 -7.50 -24.08 0.33
N TRP D 50 -7.19 -24.76 -0.77
CA TRP D 50 -5.85 -24.66 -1.36
C TRP D 50 -5.56 -23.23 -1.79
N ILE D 51 -6.54 -22.57 -2.42
CA ILE D 51 -6.33 -21.18 -2.84
C ILE D 51 -6.11 -20.28 -1.63
N PHE D 52 -6.98 -20.40 -0.63
CA PHE D 52 -6.94 -19.43 0.48
C PHE D 52 -5.73 -19.64 1.38
N CYS D 53 -5.32 -20.89 1.62
CA CYS D 53 -4.31 -21.14 2.64
C CYS D 53 -2.93 -20.63 2.22
N PHE D 54 -2.57 -20.79 0.95
CA PHE D 54 -1.25 -20.41 0.48
C PHE D 54 -1.22 -19.42 -0.67
N HIS D 55 -2.17 -19.47 -1.60
CA HIS D 55 -2.14 -18.60 -2.77
C HIS D 55 -2.46 -17.14 -2.46
N LEU D 56 -2.90 -16.84 -1.25
CA LEU D 56 -3.29 -15.49 -0.87
C LEU D 56 -2.50 -15.07 0.37
N LYS D 57 -2.22 -13.76 0.45
CA LYS D 57 -1.50 -13.19 1.57
C LYS D 57 -2.29 -12.16 2.35
N SER D 58 -3.04 -11.30 1.66
CA SER D 58 -3.82 -10.27 2.32
C SER D 58 -5.04 -10.90 2.97
N TRP D 59 -5.12 -10.82 4.30
CA TRP D 59 -6.20 -11.43 5.06
C TRP D 59 -6.96 -10.33 5.80
N LYS D 60 -8.26 -10.26 5.55
CA LYS D 60 -9.14 -9.28 6.17
C LYS D 60 -10.22 -10.01 6.97
N SER D 61 -11.14 -9.23 7.53
CA SER D 61 -12.22 -9.80 8.34
C SER D 61 -13.16 -10.65 7.48
N SER D 62 -13.46 -10.18 6.26
CA SER D 62 -14.35 -10.94 5.39
C SER D 62 -13.75 -12.29 5.03
N ARG D 63 -12.45 -12.30 4.68
CA ARG D 63 -11.80 -13.57 4.34
C ARG D 63 -11.73 -14.49 5.56
N ILE D 64 -11.49 -13.93 6.75
CA ILE D 64 -11.48 -14.73 7.96
C ILE D 64 -12.85 -15.37 8.19
N PHE D 65 -13.92 -14.59 8.03
CA PHE D 65 -15.26 -15.12 8.26
C PHE D 65 -15.67 -16.14 7.20
N LEU D 66 -15.15 -16.00 5.98
CA LEU D 66 -15.42 -16.99 4.94
C LEU D 66 -14.62 -18.27 5.15
N PHE D 67 -13.42 -18.16 5.75
CA PHE D 67 -12.57 -19.32 5.96
C PHE D 67 -13.27 -20.37 6.83
N ASN D 68 -13.94 -19.92 7.90
CA ASN D 68 -14.61 -20.85 8.80
C ASN D 68 -15.78 -21.54 8.11
N LEU D 69 -16.52 -20.80 7.27
CA LEU D 69 -17.59 -21.42 6.50
C LEU D 69 -17.04 -22.48 5.55
N ALA D 70 -15.91 -22.18 4.91
CA ALA D 70 -15.28 -23.18 4.04
C ALA D 70 -14.88 -24.41 4.83
N VAL D 71 -14.33 -24.22 6.03
CA VAL D 71 -13.92 -25.35 6.86
C VAL D 71 -15.12 -26.21 7.25
N ALA D 72 -16.22 -25.56 7.64
CA ALA D 72 -17.42 -26.31 8.02
C ALA D 72 -17.97 -27.09 6.84
N ASP D 73 -18.02 -26.47 5.66
CA ASP D 73 -18.48 -27.19 4.48
C ASP D 73 -17.58 -28.37 4.16
N PHE D 74 -16.26 -28.17 4.28
CA PHE D 74 -15.32 -29.27 4.00
C PHE D 74 -15.54 -30.43 4.95
N LEU D 75 -15.73 -30.15 6.24
CA LEU D 75 -15.97 -31.22 7.21
C LEU D 75 -17.28 -31.95 6.91
N LEU D 76 -18.33 -31.19 6.58
CA LEU D 76 -19.61 -31.82 6.28
C LEU D 76 -19.52 -32.72 5.05
N ILE D 77 -18.76 -32.30 4.04
CA ILE D 77 -18.56 -33.15 2.87
C ILE D 77 -17.72 -34.37 3.24
N ILE D 78 -16.70 -34.19 4.09
CA ILE D 78 -15.83 -35.29 4.46
C ILE D 78 -16.57 -36.40 5.19
N CYS D 79 -17.45 -36.07 6.12
CA CYS D 79 -18.09 -37.07 6.96
C CYS D 79 -19.26 -37.79 6.28
N LEU D 80 -19.45 -37.57 4.98
CA LEU D 80 -20.59 -38.08 4.23
C LEU D 80 -20.49 -39.55 3.78
N PRO D 81 -19.31 -40.04 3.33
CA PRO D 81 -19.23 -41.45 2.92
C PRO D 81 -19.63 -42.43 4.01
N PHE D 82 -19.54 -42.00 5.27
CA PHE D 82 -20.02 -42.84 6.37
C PHE D 82 -21.51 -43.13 6.21
N VAL D 83 -22.28 -42.18 5.68
CA VAL D 83 -23.70 -42.36 5.46
C VAL D 83 -23.93 -42.98 4.08
N MET D 84 -22.98 -42.80 3.16
CA MET D 84 -23.03 -43.62 1.95
C MET D 84 -23.04 -45.10 2.30
N ASP D 85 -22.17 -45.51 3.22
CA ASP D 85 -22.14 -46.90 3.66
C ASP D 85 -23.45 -47.29 4.33
N TYR D 86 -24.05 -46.37 5.10
CA TYR D 86 -25.31 -46.64 5.76
C TYR D 86 -26.45 -46.94 4.79
N TYR D 87 -26.40 -46.38 3.58
CA TYR D 87 -27.46 -46.58 2.60
C TYR D 87 -27.17 -47.67 1.58
N VAL D 88 -25.91 -47.87 1.21
CA VAL D 88 -25.58 -48.93 0.26
C VAL D 88 -25.77 -50.29 0.92
N ARG D 89 -25.41 -50.39 2.20
CA ARG D 89 -25.57 -51.63 2.94
C ARG D 89 -26.98 -51.67 3.55
N ARG D 90 -27.67 -50.54 3.52
CA ARG D 90 -29.08 -50.39 3.82
C ARG D 90 -29.40 -50.54 5.31
N SER D 91 -28.41 -50.94 6.12
CA SER D 91 -28.70 -51.23 7.53
C SER D 91 -27.45 -51.56 8.35
N ASP D 92 -27.68 -51.82 9.63
CA ASP D 92 -26.77 -52.49 10.56
C ASP D 92 -25.63 -51.62 11.08
N TRP D 93 -25.41 -50.44 10.48
CA TRP D 93 -24.38 -49.50 10.90
C TRP D 93 -23.11 -50.20 11.37
N LYS D 94 -22.50 -50.99 10.48
CA LYS D 94 -21.42 -51.92 10.81
C LYS D 94 -20.31 -51.33 11.67
N PHE D 95 -20.10 -50.01 11.58
CA PHE D 95 -18.99 -49.36 12.26
C PHE D 95 -19.03 -49.54 13.78
N GLY D 96 -20.17 -49.25 14.40
CA GLY D 96 -20.28 -49.44 15.83
C GLY D 96 -21.25 -48.52 16.53
N ASP D 97 -20.88 -48.04 17.73
CA ASP D 97 -21.75 -47.19 18.53
C ASP D 97 -21.18 -45.78 18.63
N ILE D 98 -19.91 -45.67 19.02
CA ILE D 98 -19.25 -44.37 19.15
C ILE D 98 -19.24 -43.66 17.80
N PRO D 99 -18.86 -44.33 16.67
CA PRO D 99 -18.98 -43.65 15.37
C PRO D 99 -20.41 -43.66 14.85
N CYS D 100 -21.36 -43.42 15.73
CA CYS D 100 -22.73 -43.03 15.44
C CYS D 100 -23.09 -41.73 16.13
N ARG D 101 -22.83 -41.63 17.44
CA ARG D 101 -22.91 -40.34 18.10
C ARG D 101 -21.94 -39.36 17.48
N LEU D 102 -20.75 -39.83 17.10
CA LEU D 102 -19.76 -38.95 16.49
C LEU D 102 -20.27 -38.36 15.18
N VAL D 103 -20.86 -39.19 14.31
CA VAL D 103 -21.29 -38.70 13.01
C VAL D 103 -22.54 -37.83 13.14
N LEU D 104 -23.47 -38.21 14.04
CA LEU D 104 -24.64 -37.35 14.26
C LEU D 104 -24.27 -36.04 14.96
N PHE D 105 -23.13 -36.00 15.65
CA PHE D 105 -22.63 -34.73 16.15
C PHE D 105 -22.00 -33.90 15.04
N MET D 106 -21.16 -34.53 14.21
CA MET D 106 -20.41 -33.82 13.20
C MET D 106 -21.25 -33.42 11.99
N PHE D 107 -22.46 -33.94 11.79
CA PHE D 107 -23.36 -33.36 10.81
C PHE D 107 -24.13 -32.15 11.35
N ALA D 108 -24.72 -32.28 12.53
CA ALA D 108 -25.49 -31.16 13.09
C ALA D 108 -24.58 -29.96 13.34
N MET D 109 -23.39 -30.19 13.90
CA MET D 109 -22.49 -29.08 14.17
C MET D 109 -22.04 -28.42 12.87
N ASN D 110 -21.72 -29.20 11.85
CA ASN D 110 -21.28 -28.63 10.58
C ASN D 110 -22.39 -27.83 9.91
N ARG D 111 -23.61 -28.36 9.89
CA ARG D 111 -24.71 -27.63 9.27
C ARG D 111 -25.03 -26.34 10.02
N GLN D 112 -25.06 -26.40 11.35
CA GLN D 112 -25.33 -25.20 12.12
C GLN D 112 -24.23 -24.16 11.94
N GLY D 113 -22.97 -24.61 11.88
CA GLY D 113 -21.88 -23.68 11.60
C GLY D 113 -22.00 -23.04 10.23
N SER D 114 -22.40 -23.82 9.22
CA SER D 114 -22.59 -23.25 7.89
C SER D 114 -23.67 -22.19 7.92
N ILE D 115 -24.80 -22.46 8.57
CA ILE D 115 -25.88 -21.48 8.64
C ILE D 115 -25.41 -20.21 9.37
N ILE D 116 -24.72 -20.39 10.49
CA ILE D 116 -24.29 -19.24 11.28
C ILE D 116 -23.31 -18.39 10.50
N PHE D 117 -22.37 -19.02 9.80
CA PHE D 117 -21.38 -18.24 9.06
C PHE D 117 -21.98 -17.59 7.82
N LEU D 118 -22.99 -18.21 7.20
CA LEU D 118 -23.72 -17.53 6.13
C LEU D 118 -24.39 -16.27 6.66
N THR D 119 -25.04 -16.37 7.82
CA THR D 119 -25.69 -15.20 8.41
C THR D 119 -24.67 -14.13 8.77
N VAL D 120 -23.51 -14.53 9.28
CA VAL D 120 -22.48 -13.56 9.64
C VAL D 120 -21.95 -12.85 8.42
N VAL D 121 -21.73 -13.58 7.32
CA VAL D 121 -21.29 -12.95 6.08
C VAL D 121 -22.33 -11.94 5.59
N ALA D 122 -23.61 -12.32 5.64
CA ALA D 122 -24.66 -11.41 5.20
C ALA D 122 -24.69 -10.15 6.06
N VAL D 123 -24.55 -10.31 7.37
CA VAL D 123 -24.57 -9.14 8.26
C VAL D 123 -23.37 -8.24 8.00
N ASP D 124 -22.21 -8.85 7.74
CA ASP D 124 -21.03 -8.06 7.41
C ASP D 124 -21.25 -7.24 6.15
N ARG D 125 -21.84 -7.86 5.12
CA ARG D 125 -22.12 -7.12 3.89
C ARG D 125 -23.11 -5.98 4.14
N TYR D 126 -24.13 -6.24 4.96
CA TYR D 126 -25.11 -5.21 5.26
C TYR D 126 -24.47 -4.02 5.96
N PHE D 127 -23.58 -4.29 6.93
CA PHE D 127 -22.91 -3.19 7.60
C PHE D 127 -21.92 -2.47 6.69
N ARG D 128 -21.32 -3.18 5.74
CA ARG D 128 -20.40 -2.53 4.82
C ARG D 128 -21.13 -1.61 3.85
N VAL D 129 -22.36 -1.97 3.46
CA VAL D 129 -23.08 -1.17 2.46
C VAL D 129 -23.91 -0.07 3.10
N VAL D 130 -24.68 -0.40 4.13
CA VAL D 130 -25.65 0.57 4.64
C VAL D 130 -25.00 1.57 5.58
N HIS D 131 -24.03 1.13 6.40
CA HIS D 131 -23.31 2.00 7.33
C HIS D 131 -21.83 2.03 6.93
N PRO D 132 -21.49 2.75 5.87
CA PRO D 132 -20.08 2.76 5.42
C PRO D 132 -19.12 3.33 6.44
N HIS D 133 -19.55 4.30 7.25
CA HIS D 133 -18.70 4.91 8.27
C HIS D 133 -19.09 4.34 9.62
N HIS D 134 -18.51 3.18 9.93
CA HIS D 134 -18.75 2.52 11.20
C HIS D 134 -17.46 1.88 11.69
N ALA D 135 -17.35 1.75 13.01
CA ALA D 135 -16.16 1.13 13.59
C ALA D 135 -16.11 -0.37 13.31
N LEU D 136 -17.27 -1.00 13.12
CA LEU D 136 -17.30 -2.43 12.85
C LEU D 136 -16.64 -2.76 11.51
N ASN D 137 -16.71 -1.84 10.54
CA ASN D 137 -16.06 -2.08 9.27
C ASN D 137 -14.55 -2.14 9.42
N LYS D 138 -13.98 -1.27 10.25
CA LYS D 138 -12.54 -1.27 10.52
C LYS D 138 -12.32 -2.04 11.82
N ILE D 139 -12.27 -3.37 11.70
CA ILE D 139 -12.11 -4.26 12.82
C ILE D 139 -10.89 -5.14 12.58
N SER D 140 -10.09 -5.31 13.62
CA SER D 140 -8.80 -6.00 13.49
C SER D 140 -9.01 -7.50 13.33
N ASN D 141 -7.98 -8.15 12.74
CA ASN D 141 -8.05 -9.59 12.53
C ASN D 141 -8.11 -10.35 13.84
N TRP D 142 -7.53 -9.80 14.90
CA TRP D 142 -7.60 -10.44 16.21
C TRP D 142 -9.04 -10.54 16.70
N THR D 143 -9.81 -9.46 16.56
CA THR D 143 -11.21 -9.50 16.95
C THR D 143 -12.02 -10.44 16.05
N ALA D 144 -11.67 -10.52 14.77
CA ALA D 144 -12.33 -11.47 13.88
C ALA D 144 -12.06 -12.90 14.34
N ALA D 145 -10.82 -13.19 14.76
CA ALA D 145 -10.50 -14.51 15.28
C ALA D 145 -11.28 -14.80 16.56
N ILE D 146 -11.40 -13.81 17.45
CA ILE D 146 -12.18 -14.00 18.66
C ILE D 146 -13.65 -14.30 18.33
N ILE D 147 -14.21 -13.56 17.39
CA ILE D 147 -15.61 -13.78 16.99
C ILE D 147 -15.78 -15.17 16.40
N SER D 148 -14.83 -15.60 15.55
CA SER D 148 -14.91 -16.93 14.96
C SER D 148 -14.84 -18.01 16.03
N CYS D 149 -13.92 -17.86 17.00
CA CYS D 149 -13.81 -18.83 18.07
C CYS D 149 -15.08 -18.88 18.91
N LEU D 150 -15.67 -17.72 19.20
CA LEU D 150 -16.90 -17.70 19.98
C LEU D 150 -18.04 -18.36 19.22
N LEU D 151 -18.14 -18.10 17.91
CA LEU D 151 -19.21 -18.72 17.13
C LEU D 151 -19.05 -20.24 17.07
N TRP D 152 -17.81 -20.70 16.88
CA TRP D 152 -17.57 -22.14 16.88
C TRP D 152 -17.89 -22.75 18.24
N GLY D 153 -17.55 -22.06 19.32
CA GLY D 153 -17.87 -22.55 20.64
C GLY D 153 -19.37 -22.64 20.88
N ILE D 154 -20.12 -21.63 20.41
CA ILE D 154 -21.57 -21.68 20.55
C ILE D 154 -22.14 -22.85 19.75
N THR D 155 -21.65 -23.05 18.53
CA THR D 155 -22.14 -24.15 17.71
C THR D 155 -21.87 -25.50 18.37
N VAL D 156 -20.66 -25.68 18.89
CA VAL D 156 -20.31 -26.94 19.55
C VAL D 156 -21.14 -27.14 20.81
N GLY D 157 -21.33 -26.07 21.58
CA GLY D 157 -22.12 -26.19 22.80
C GLY D 157 -23.58 -26.54 22.52
N LEU D 158 -24.13 -26.01 21.43
CA LEU D 158 -25.50 -26.36 21.08
C LEU D 158 -25.60 -27.75 20.47
N THR D 159 -24.54 -28.23 19.82
CA THR D 159 -24.58 -29.56 19.19
C THR D 159 -24.21 -30.69 20.14
N VAL D 160 -23.49 -30.41 21.23
CA VAL D 160 -22.97 -31.47 22.09
C VAL D 160 -24.05 -32.21 22.85
N HIS D 161 -25.30 -31.77 22.76
CA HIS D 161 -26.39 -32.43 23.50
C HIS D 161 -26.53 -33.90 23.11
N LEU D 162 -26.23 -34.24 21.86
CA LEU D 162 -26.40 -35.60 21.39
C LEU D 162 -25.25 -36.53 21.77
N LEU D 163 -24.11 -35.99 22.21
CA LEU D 163 -22.95 -36.83 22.48
C LEU D 163 -23.12 -37.63 23.77
N LYS D 164 -23.68 -37.01 24.81
CA LYS D 164 -23.82 -37.66 26.11
C LYS D 164 -25.20 -38.34 26.18
N LYS D 165 -25.36 -39.36 25.33
CA LYS D 165 -26.60 -40.12 25.24
C LYS D 165 -26.29 -41.41 24.47
N LYS D 166 -27.34 -42.15 24.15
CA LYS D 166 -27.24 -43.37 23.38
C LYS D 166 -28.13 -43.25 22.14
N LEU D 167 -27.55 -43.50 20.96
CA LEU D 167 -28.25 -43.30 19.70
C LEU D 167 -28.47 -44.60 18.92
N LEU D 168 -28.43 -45.74 19.59
CA LEU D 168 -28.68 -47.01 18.91
C LEU D 168 -30.08 -47.53 19.24
N ILE D 169 -30.65 -48.27 18.29
CA ILE D 169 -31.99 -48.80 18.40
C ILE D 169 -32.02 -50.32 18.32
N GLN D 170 -31.30 -50.89 17.35
CA GLN D 170 -31.24 -52.34 17.13
C GLN D 170 -32.64 -52.92 16.87
N ASN D 171 -33.24 -52.44 15.79
CA ASN D 171 -34.57 -52.89 15.38
C ASN D 171 -34.46 -54.28 14.78
N GLY D 172 -34.71 -55.29 15.60
CA GLY D 172 -34.64 -56.67 15.12
C GLY D 172 -33.22 -57.01 14.71
N THR D 173 -33.07 -57.44 13.46
CA THR D 173 -31.78 -57.81 12.91
C THR D 173 -31.06 -56.64 12.25
N ALA D 174 -31.62 -55.44 12.31
CA ALA D 174 -31.03 -54.26 11.69
C ALA D 174 -30.78 -53.20 12.74
N ASN D 175 -29.62 -52.54 12.65
CA ASN D 175 -29.24 -51.46 13.53
C ASN D 175 -29.24 -50.15 12.76
N VAL D 176 -30.00 -49.17 13.26
CA VAL D 176 -30.17 -47.89 12.58
C VAL D 176 -29.47 -46.81 13.39
N CYS D 177 -28.68 -45.99 12.70
CA CYS D 177 -27.96 -44.87 13.31
C CYS D 177 -28.71 -43.59 12.92
N ILE D 178 -29.70 -43.24 13.72
CA ILE D 178 -30.62 -42.16 13.39
C ILE D 178 -30.75 -41.21 14.59
N SER D 179 -31.05 -39.95 14.30
CA SER D 179 -31.39 -38.96 15.31
C SER D 179 -32.78 -38.39 15.15
N PHE D 180 -33.27 -38.26 13.92
CA PHE D 180 -34.64 -37.82 13.65
C PHE D 180 -35.57 -39.01 13.85
N SER D 181 -36.03 -39.19 15.09
CA SER D 181 -36.95 -40.27 15.44
C SER D 181 -38.35 -39.68 15.61
N ILE D 182 -39.30 -40.24 14.87
CA ILE D 182 -40.68 -39.75 14.90
C ILE D 182 -41.29 -40.12 16.25
N CYS D 183 -41.45 -39.14 17.12
CA CYS D 183 -41.95 -39.40 18.47
C CYS D 183 -42.69 -38.18 18.97
N HIS D 184 -43.69 -38.43 19.83
CA HIS D 184 -44.46 -37.35 20.45
C HIS D 184 -43.63 -36.77 21.59
N THR D 185 -42.65 -35.96 21.22
CA THR D 185 -41.71 -35.37 22.16
C THR D 185 -41.33 -33.99 21.65
N PHE D 186 -40.87 -33.13 22.56
CA PHE D 186 -40.44 -31.79 22.19
C PHE D 186 -38.94 -31.67 22.49
N ARG D 187 -38.19 -32.68 22.04
CA ARG D 187 -36.75 -32.72 22.30
C ARG D 187 -36.06 -31.52 21.67
N TRP D 188 -34.90 -31.16 22.25
CA TRP D 188 -34.16 -29.99 21.79
C TRP D 188 -33.73 -30.11 20.33
N HIS D 189 -33.60 -31.35 19.82
CA HIS D 189 -33.19 -31.54 18.44
C HIS D 189 -34.19 -30.94 17.46
N GLU D 190 -35.48 -31.28 17.63
CA GLU D 190 -36.50 -30.75 16.74
C GLU D 190 -36.66 -29.24 16.88
N ALA D 191 -36.59 -28.74 18.11
CA ALA D 191 -36.69 -27.30 18.33
C ALA D 191 -35.55 -26.56 17.65
N MET D 192 -34.33 -27.09 17.76
CA MET D 192 -33.18 -26.49 17.08
C MET D 192 -33.34 -26.56 15.57
N PHE D 193 -33.83 -27.68 15.05
CA PHE D 193 -34.04 -27.80 13.61
C PHE D 193 -35.03 -26.77 13.12
N LEU D 194 -36.11 -26.54 13.87
CA LEU D 194 -37.08 -25.52 13.49
C LEU D 194 -36.51 -24.11 13.63
N LEU D 195 -35.75 -23.86 14.69
CA LEU D 195 -35.30 -22.51 15.01
C LEU D 195 -34.19 -22.03 14.08
N GLU D 196 -33.23 -22.89 13.74
CA GLU D 196 -32.08 -22.45 12.98
C GLU D 196 -32.39 -22.12 11.53
N PHE D 197 -33.67 -22.12 11.13
CA PHE D 197 -34.06 -21.72 9.78
C PHE D 197 -34.71 -20.34 9.76
N PHE D 198 -35.76 -20.14 10.55
CA PHE D 198 -36.59 -18.94 10.42
C PHE D 198 -35.81 -17.68 10.81
N LEU D 199 -35.15 -17.70 11.97
CA LEU D 199 -34.43 -16.51 12.42
C LEU D 199 -33.29 -16.12 11.48
N PRO D 200 -32.39 -17.03 11.07
CA PRO D 200 -31.41 -16.65 10.04
C PRO D 200 -32.05 -16.23 8.74
N LEU D 201 -33.18 -16.84 8.36
CA LEU D 201 -33.88 -16.41 7.15
C LEU D 201 -34.34 -14.98 7.27
N GLY D 202 -34.92 -14.62 8.42
CA GLY D 202 -35.35 -13.24 8.62
C GLY D 202 -34.19 -12.26 8.59
N ILE D 203 -33.08 -12.63 9.24
CA ILE D 203 -31.92 -11.74 9.26
C ILE D 203 -31.39 -11.54 7.84
N ILE D 204 -31.26 -12.63 7.09
CA ILE D 204 -30.73 -12.54 5.73
C ILE D 204 -31.66 -11.70 4.85
N LEU D 205 -32.97 -11.93 4.95
CA LEU D 205 -33.91 -11.16 4.13
C LEU D 205 -33.86 -9.69 4.48
N PHE D 206 -33.82 -9.35 5.77
CA PHE D 206 -33.76 -7.95 6.17
C PHE D 206 -32.49 -7.29 5.67
N CYS D 207 -31.34 -7.94 5.84
CA CYS D 207 -30.08 -7.38 5.38
C CYS D 207 -30.07 -7.19 3.87
N SER D 208 -30.56 -8.19 3.13
CA SER D 208 -30.58 -8.11 1.68
C SER D 208 -31.49 -6.98 1.20
N ALA D 209 -32.67 -6.86 1.81
CA ALA D 209 -33.59 -5.79 1.41
C ALA D 209 -33.00 -4.43 1.68
N ARG D 210 -32.38 -4.25 2.86
CA ARG D 210 -31.75 -2.97 3.16
C ARG D 210 -30.63 -2.66 2.19
N ILE D 211 -29.79 -3.65 1.88
CA ILE D 211 -28.69 -3.42 0.94
C ILE D 211 -29.24 -2.97 -0.41
N ILE D 212 -30.22 -3.70 -0.93
CA ILE D 212 -30.75 -3.39 -2.27
C ILE D 212 -31.37 -2.00 -2.27
N TRP D 213 -32.19 -1.69 -1.27
CA TRP D 213 -32.88 -0.41 -1.25
C TRP D 213 -31.90 0.75 -1.11
N SER D 214 -30.96 0.65 -0.18
CA SER D 214 -30.01 1.74 0.06
C SER D 214 -29.08 1.94 -1.14
N LEU D 215 -28.66 0.84 -1.78
CA LEU D 215 -27.79 0.98 -2.94
C LEU D 215 -28.55 1.51 -4.15
N ARG D 216 -29.84 1.17 -4.29
CA ARG D 216 -30.60 1.63 -5.44
C ARG D 216 -30.99 3.10 -5.32
N GLN D 217 -31.39 3.55 -4.12
CA GLN D 217 -31.78 4.95 -3.97
C GLN D 217 -30.58 5.87 -4.12
N ARG D 218 -29.37 5.37 -3.88
CA ARG D 218 -28.14 6.15 -3.96
C ARG D 218 -27.55 6.16 -5.38
N GLN D 219 -28.34 5.77 -6.37
CA GLN D 219 -27.89 5.67 -7.78
C GLN D 219 -26.78 4.61 -7.82
N MET D 220 -25.59 4.94 -8.33
CA MET D 220 -24.49 3.99 -8.49
C MET D 220 -24.90 2.80 -9.36
N ASP D 221 -25.21 3.07 -10.63
CA ASP D 221 -25.47 2.01 -11.59
C ASP D 221 -24.58 2.09 -12.83
N ARG D 222 -23.80 3.15 -12.99
CA ARG D 222 -22.99 3.32 -14.19
C ARG D 222 -21.79 2.38 -14.19
N HIS D 223 -21.22 2.11 -13.01
CA HIS D 223 -19.98 1.34 -12.94
C HIS D 223 -20.15 -0.09 -13.43
N ALA D 224 -21.35 -0.65 -13.28
CA ALA D 224 -21.78 -1.94 -13.82
C ALA D 224 -21.16 -3.13 -13.11
N LYS D 225 -20.14 -2.90 -12.27
CA LYS D 225 -19.76 -3.95 -11.34
C LYS D 225 -20.63 -3.90 -10.10
N ILE D 226 -21.12 -2.71 -9.75
CA ILE D 226 -22.19 -2.60 -8.77
C ILE D 226 -23.44 -3.33 -9.27
N LYS D 227 -23.74 -3.19 -10.57
CA LYS D 227 -24.85 -3.93 -11.16
C LYS D 227 -24.58 -5.42 -11.18
N ARG D 228 -23.33 -5.83 -11.42
CA ARG D 228 -23.00 -7.25 -11.35
C ARG D 228 -23.21 -7.79 -9.94
N ALA D 229 -22.79 -7.04 -8.93
CA ALA D 229 -22.84 -7.52 -7.55
C ALA D 229 -24.20 -7.35 -6.89
N ILE D 230 -25.10 -6.54 -7.47
CA ILE D 230 -26.40 -6.35 -6.86
C ILE D 230 -27.31 -7.57 -7.03
N THR D 231 -26.95 -8.48 -7.92
CA THR D 231 -27.75 -9.68 -8.15
C THR D 231 -27.34 -10.85 -7.27
N PHE D 232 -26.06 -10.93 -6.89
CA PHE D 232 -25.58 -12.06 -6.11
C PHE D 232 -26.23 -12.12 -4.72
N ILE D 233 -26.63 -10.97 -4.17
CA ILE D 233 -27.30 -10.97 -2.89
C ILE D 233 -28.62 -11.73 -2.97
N MET D 234 -29.44 -11.39 -3.97
CA MET D 234 -30.69 -12.12 -4.16
C MET D 234 -30.43 -13.57 -4.58
N VAL D 235 -29.36 -13.81 -5.32
CA VAL D 235 -29.02 -15.17 -5.71
C VAL D 235 -28.77 -16.05 -4.48
N VAL D 236 -27.94 -15.57 -3.56
CA VAL D 236 -27.65 -16.37 -2.37
C VAL D 236 -28.87 -16.44 -1.47
N ALA D 237 -29.69 -15.39 -1.43
CA ALA D 237 -30.92 -15.46 -0.64
C ALA D 237 -31.85 -16.56 -1.15
N ILE D 238 -32.08 -16.61 -2.47
CA ILE D 238 -32.98 -17.62 -3.00
C ILE D 238 -32.36 -19.01 -2.92
N VAL D 239 -31.03 -19.12 -3.03
CA VAL D 239 -30.37 -20.41 -2.87
C VAL D 239 -30.61 -20.94 -1.46
N PHE D 240 -30.42 -20.07 -0.46
CA PHE D 240 -30.69 -20.47 0.93
C PHE D 240 -32.14 -20.88 1.10
N VAL D 241 -33.07 -20.11 0.51
CA VAL D 241 -34.49 -20.40 0.66
C VAL D 241 -34.82 -21.77 0.09
N ILE D 242 -34.40 -22.04 -1.14
CA ILE D 242 -34.75 -23.30 -1.78
C ILE D 242 -34.04 -24.46 -1.11
N CYS D 243 -32.83 -24.25 -0.58
CA CYS D 243 -32.11 -25.35 0.05
C CYS D 243 -32.66 -25.69 1.44
N PHE D 244 -33.23 -24.73 2.15
CA PHE D 244 -33.62 -24.98 3.54
C PHE D 244 -35.11 -24.85 3.81
N LEU D 245 -35.94 -24.62 2.78
CA LEU D 245 -37.38 -24.60 3.00
C LEU D 245 -38.02 -25.98 3.07
N PRO D 246 -37.75 -26.89 2.12
CA PRO D 246 -38.50 -28.16 2.12
C PRO D 246 -38.35 -28.97 3.40
N SER D 247 -37.16 -28.98 4.01
CA SER D 247 -36.95 -29.78 5.21
C SER D 247 -37.82 -29.29 6.35
N VAL D 248 -37.83 -27.98 6.59
CA VAL D 248 -38.64 -27.45 7.67
C VAL D 248 -40.13 -27.58 7.35
N VAL D 249 -40.50 -27.49 6.07
CA VAL D 249 -41.90 -27.70 5.69
C VAL D 249 -42.33 -29.12 6.03
N VAL D 250 -41.50 -30.10 5.69
CA VAL D 250 -41.83 -31.49 5.96
C VAL D 250 -41.85 -31.76 7.46
N ARG D 251 -40.94 -31.13 8.20
CA ARG D 251 -40.95 -31.29 9.66
C ARG D 251 -42.23 -30.72 10.25
N ILE D 252 -42.68 -29.57 9.76
CA ILE D 252 -43.94 -28.99 10.24
C ILE D 252 -45.11 -29.92 9.93
N HIS D 253 -45.13 -30.47 8.71
CA HIS D 253 -46.20 -31.39 8.35
C HIS D 253 -46.18 -32.64 9.23
N ILE D 254 -44.98 -33.15 9.53
CA ILE D 254 -44.86 -34.32 10.40
C ILE D 254 -45.38 -34.00 11.80
N PHE D 255 -45.03 -32.83 12.32
CA PHE D 255 -45.53 -32.44 13.64
C PHE D 255 -47.05 -32.32 13.64
N TRP D 256 -47.61 -31.74 12.57
CA TRP D 256 -49.06 -31.61 12.49
C TRP D 256 -49.73 -32.97 12.45
N LEU D 257 -49.20 -33.90 11.64
CA LEU D 257 -49.76 -35.24 11.57
C LEU D 257 -49.66 -35.96 12.90
N LEU D 258 -48.52 -35.82 13.58
CA LEU D 258 -48.36 -36.44 14.89
C LEU D 258 -49.35 -35.89 15.90
N HIS D 259 -49.59 -34.58 15.86
CA HIS D 259 -50.56 -33.99 16.78
C HIS D 259 -51.98 -34.44 16.47
N THR D 260 -52.33 -34.51 15.18
CA THR D 260 -53.71 -34.80 14.79
C THR D 260 -54.03 -36.29 14.72
N SER D 261 -53.03 -37.17 14.80
CA SER D 261 -53.28 -38.60 14.71
C SER D 261 -52.59 -39.42 15.79
N GLY D 262 -51.76 -38.80 16.62
CA GLY D 262 -51.10 -39.54 17.68
C GLY D 262 -49.95 -40.40 17.16
N THR D 263 -49.42 -41.23 18.06
CA THR D 263 -48.31 -42.11 17.76
C THR D 263 -48.76 -43.52 17.41
N GLN D 264 -50.06 -43.77 17.35
CA GLN D 264 -50.59 -45.08 16.98
C GLN D 264 -50.88 -45.13 15.49
N ASN D 265 -51.24 -46.32 15.02
CA ASN D 265 -51.51 -46.59 13.61
C ASN D 265 -50.31 -46.20 12.74
N CYS D 266 -49.22 -46.94 12.97
CA CYS D 266 -47.94 -46.66 12.32
C CYS D 266 -47.97 -47.16 10.88
N GLU D 267 -48.85 -46.55 10.09
CA GLU D 267 -48.92 -46.81 8.66
C GLU D 267 -49.05 -45.54 7.82
N VAL D 268 -49.41 -44.40 8.42
CA VAL D 268 -49.50 -43.15 7.67
C VAL D 268 -48.14 -42.47 7.62
N TYR D 269 -47.29 -42.69 8.62
CA TYR D 269 -46.00 -42.02 8.70
C TYR D 269 -45.03 -42.47 7.62
N ARG D 270 -45.33 -43.54 6.89
CA ARG D 270 -44.38 -44.07 5.93
C ARG D 270 -44.04 -43.06 4.83
N SER D 271 -45.07 -42.50 4.20
CA SER D 271 -44.85 -41.58 3.09
C SER D 271 -44.18 -40.30 3.56
N VAL D 272 -44.62 -39.75 4.69
CA VAL D 272 -44.04 -38.49 5.15
C VAL D 272 -42.60 -38.69 5.60
N ASP D 273 -42.29 -39.83 6.22
CA ASP D 273 -40.91 -40.12 6.58
C ASP D 273 -40.03 -40.28 5.35
N LEU D 274 -40.55 -40.97 4.32
CA LEU D 274 -39.79 -41.09 3.08
C LEU D 274 -39.52 -39.73 2.46
N ALA D 275 -40.54 -38.86 2.43
CA ALA D 275 -40.35 -37.52 1.88
C ALA D 275 -39.37 -36.72 2.72
N PHE D 276 -39.41 -36.89 4.04
CA PHE D 276 -38.46 -36.19 4.91
C PHE D 276 -37.04 -36.63 4.62
N PHE D 277 -36.82 -37.93 4.41
CA PHE D 277 -35.48 -38.39 4.10
C PHE D 277 -35.05 -37.98 2.69
N ILE D 278 -36.00 -37.83 1.77
CA ILE D 278 -35.67 -37.27 0.46
C ILE D 278 -35.20 -35.83 0.60
N THR D 279 -35.94 -35.02 1.36
CA THR D 279 -35.63 -33.60 1.48
C THR D 279 -34.41 -33.33 2.37
N LEU D 280 -34.05 -34.27 3.25
CA LEU D 280 -32.88 -34.06 4.09
C LEU D 280 -31.58 -34.08 3.28
N SER D 281 -31.61 -34.60 2.06
CA SER D 281 -30.45 -34.54 1.18
C SER D 281 -30.29 -33.18 0.52
N PHE D 282 -31.31 -32.33 0.58
CA PHE D 282 -31.17 -30.97 0.04
C PHE D 282 -30.20 -30.14 0.86
N THR D 283 -30.13 -30.40 2.18
CA THR D 283 -29.23 -29.63 3.03
C THR D 283 -27.77 -29.85 2.69
N TYR D 284 -27.44 -30.91 1.96
CA TYR D 284 -26.09 -31.13 1.47
C TYR D 284 -25.86 -30.52 0.10
N MET D 285 -26.90 -30.01 -0.56
CA MET D 285 -26.73 -29.42 -1.88
C MET D 285 -26.05 -28.06 -1.81
N ASN D 286 -26.26 -27.32 -0.71
CA ASN D 286 -25.66 -26.00 -0.59
C ASN D 286 -24.15 -26.08 -0.41
N SER D 287 -23.65 -27.18 0.14
CA SER D 287 -22.22 -27.29 0.43
C SER D 287 -21.37 -27.34 -0.83
N MET D 288 -21.93 -27.75 -1.96
CA MET D 288 -21.19 -27.74 -3.22
C MET D 288 -21.41 -26.47 -4.03
N LEU D 289 -22.56 -25.82 -3.89
CA LEU D 289 -22.80 -24.55 -4.55
C LEU D 289 -22.16 -23.38 -3.80
N ASP D 290 -21.79 -23.58 -2.54
CA ASP D 290 -21.23 -22.49 -1.75
C ASP D 290 -19.93 -21.94 -2.34
N PRO D 291 -18.96 -22.77 -2.76
CA PRO D 291 -17.80 -22.19 -3.47
C PRO D 291 -18.18 -21.49 -4.76
N VAL D 292 -19.24 -21.95 -5.43
CA VAL D 292 -19.62 -21.35 -6.71
C VAL D 292 -20.15 -19.93 -6.52
N VAL D 293 -21.05 -19.75 -5.55
CA VAL D 293 -21.75 -18.48 -5.38
C VAL D 293 -21.18 -17.65 -4.24
N TYR D 294 -20.13 -18.11 -3.59
CA TYR D 294 -19.52 -17.37 -2.49
C TYR D 294 -18.00 -17.28 -2.57
N TYR D 295 -17.34 -18.10 -3.37
CA TYR D 295 -15.89 -18.19 -3.34
C TYR D 295 -15.24 -17.95 -4.69
N PHE D 296 -15.85 -18.45 -5.77
CA PHE D 296 -15.38 -18.20 -7.13
C PHE D 296 -16.23 -17.16 -7.84
N SER D 297 -17.25 -16.62 -7.19
CA SER D 297 -18.15 -15.65 -7.78
C SER D 297 -17.68 -14.21 -7.59
N SER D 298 -16.52 -14.02 -6.94
CA SER D 298 -15.97 -12.70 -6.70
C SER D 298 -14.85 -12.38 -7.68
N PRO D 299 -14.69 -11.12 -8.06
CA PRO D 299 -13.58 -10.75 -8.95
C PRO D 299 -12.22 -10.82 -8.28
N SER D 300 -12.15 -11.06 -6.97
CA SER D 300 -10.87 -11.09 -6.28
C SER D 300 -9.98 -12.22 -6.80
N PHE D 301 -10.56 -13.36 -7.13
CA PHE D 301 -9.81 -14.46 -7.72
C PHE D 301 -10.76 -15.42 -8.44
C1 P9X E . -28.94 -38.74 9.08
C2 P9X E . -29.39 -38.26 10.25
C4 P9X E . -28.19 -36.50 9.56
C5 P9X E . -28.02 -35.01 9.25
C6 P9X E . -27.94 -39.86 9.28
C9 P9X E . -26.12 -41.91 9.68
O3 P9X E . -27.62 -34.66 8.12
C10 P9X E . -27.32 -42.16 9.03
C P9X E . -30.10 -39.20 8.20
O P9X E . -29.97 -38.97 11.02
C11 P9X E . -28.24 -41.14 8.83
C3 P9X E . -29.17 -36.96 10.55
C7 P9X E . -26.75 -39.62 9.94
C8 P9X E . -25.85 -40.64 10.14
O1 P9X E . -28.22 -37.52 8.44
O2 P9X E . -28.29 -34.15 10.13
#